data_4EB1
#
_entry.id   4EB1
#
_cell.length_a   69.750
_cell.length_b   101.750
_cell.length_c   88.810
_cell.angle_alpha   90.00
_cell.angle_beta   105.42
_cell.angle_gamma   90.00
#
_symmetry.space_group_name_H-M   'P 1 21 1'
#
loop_
_entity.id
_entity.type
_entity.pdbx_description
1 polymer Antithrombin-III
2 polymer Antithrombin-III
3 branched 2-acetamido-2-deoxy-beta-D-glucopyranose-(1-4)-2-acetamido-2-deoxy-beta-D-glucopyranose
4 non-polymer 2-acetamido-2-deoxy-beta-D-glucopyranose
5 water water
#
loop_
_entity_poly.entity_id
_entity_poly.type
_entity_poly.pdbx_seq_one_letter_code
_entity_poly.pdbx_strand_id
1 'polypeptide(L)'
;HGSPVDICTAKPRDIPMNPMCIYRSPEKKATEDEGSEQKIPEATNRRVWELSKANSRFATTFYQHLADSKNDNDNIFLSP
LSISTAFAMTKLGACNDTLQQLMEVFKFDTISEKTSDQIHFFFAKLNCRLYRKANKASKLVSANRLFGDKSLTFNETYQD
ISELVYGAKLQPLDFKENAEQSRAAINKWVSNKTEGRITDVIPSEAINVLVLVNTRTSTVLVLVNTIYFKGLWKSKFSPE
NTRKELFYKADGESCSASMMYQEGKFRYRRVAEGTQVLELPFKGDDITMVLILPKPEKSLAKVEKELTPEVLQEWLDELE
EMMLVVHMPRFRIEDGFSLKEQLQDMGLVDLFSPEKSKLPGIVAEGRDDLYVSDAFHKAFLEVNEEGSEAAASTAVVIAG
RSLNPNRVTFKANRPFLVFIREVPLNTIIFMGRVANPCVK
;
I
2 'polypeptide(L)'
;HGSPVDICTAKPRDIPMNPMCIYRSPEKKATEDEGSEQKIPEATNRRVWELSKANSRFATTFYQHLADSKNDNDNIFLSP
LSISTAFAMTKLGACNDTLQQLMEVFKFDTISEKTSDQIHFFFAKLNCRLYRKANKSSKLVSANRLFGDKSLTFNETYQD
ISELVYGAKLQPLDFKENAEQSRAAINKWVSNKTEGRITDVIPSEAINELTVLVLVNTIYFKGLWKSKFSPENTRKELFY
KADGESCSASMMYQEGKFRYRRVAEGTQVLELPFKGDDITMVLILPKPEKSLAKVEKELTPEVLQEWLDELEEMMLVVHM
PRFRIEDGFSLKEQLQDMGLVDLFSPEKSKLPGIVAEGRDDLYVSDAFHKAFLEVNEEGSEAAASTAVVIAGRSLNPNRV
TFKANRPFLVFIREVPLNTIIFMGRVANPCVK
;
L
#
# COMPACT_ATOMS: atom_id res chain seq x y z
N VAL A 5 28.42 -11.35 31.73
CA VAL A 5 28.62 -9.87 31.60
C VAL A 5 28.23 -9.39 30.21
N ASP A 6 27.05 -8.75 30.13
CA ASP A 6 26.53 -8.25 28.86
C ASP A 6 27.09 -6.87 28.54
N ILE A 7 27.81 -6.77 27.42
CA ILE A 7 28.37 -5.51 26.97
C ILE A 7 27.31 -4.41 26.96
N CYS A 8 26.18 -4.71 26.32
CA CYS A 8 25.10 -3.74 26.13
C CYS A 8 24.79 -2.95 27.40
N THR A 9 24.84 -3.63 28.54
CA THR A 9 24.54 -3.00 29.82
C THR A 9 25.82 -2.56 30.52
N ALA A 10 26.80 -3.45 30.56
CA ALA A 10 28.07 -3.18 31.22
C ALA A 10 28.52 -1.74 31.07
N LYS A 11 28.96 -1.14 32.17
CA LYS A 11 29.53 0.20 32.15
C LYS A 11 31.02 0.14 31.81
N PRO A 12 31.67 1.30 31.75
CA PRO A 12 33.11 1.35 31.44
C PRO A 12 33.95 0.65 32.50
N ARG A 13 33.50 0.71 33.76
CA ARG A 13 34.22 0.10 34.86
C ARG A 13 34.12 -1.43 34.81
N ASP A 14 32.92 -1.93 34.54
CA ASP A 14 32.67 -3.37 34.54
C ASP A 14 33.52 -4.12 33.51
N ILE A 15 33.71 -3.52 32.35
CA ILE A 15 34.57 -4.09 31.32
C ILE A 15 35.94 -3.43 31.37
N PRO A 16 36.93 -4.12 31.96
CA PRO A 16 38.26 -3.58 32.22
C PRO A 16 38.91 -2.94 30.99
N MET A 17 39.32 -3.78 30.03
CA MET A 17 40.01 -3.28 28.85
C MET A 17 41.49 -3.07 29.15
N ASN A 18 42.22 -4.18 29.35
CA ASN A 18 43.64 -4.10 29.62
C ASN A 18 44.44 -3.71 28.38
N PRO A 19 44.59 -2.40 28.14
CA PRO A 19 45.24 -1.89 26.94
C PRO A 19 46.77 -1.87 27.08
N MET A 20 47.46 -2.46 26.11
CA MET A 20 48.92 -2.48 26.11
C MET A 20 49.48 -1.08 25.89
N CYS A 21 49.10 -0.48 24.76
CA CYS A 21 49.55 0.86 24.42
C CYS A 21 48.34 1.79 24.33
N ILE A 22 48.35 2.85 25.13
CA ILE A 22 47.24 3.80 25.16
C ILE A 22 47.64 5.12 24.51
N TYR A 23 46.69 5.74 23.82
CA TYR A 23 46.92 6.99 23.10
C TYR A 23 45.82 8.01 23.40
N ARG A 24 46.20 9.24 23.70
CA ARG A 24 45.25 10.28 24.07
C ARG A 24 44.99 11.26 22.93
N SER A 25 43.75 11.29 22.46
CA SER A 25 43.36 12.19 21.36
C SER A 25 43.54 13.65 21.74
N PRO A 26 43.96 14.48 20.76
CA PRO A 26 44.14 15.91 20.98
C PRO A 26 42.83 16.63 21.24
N GLU A 27 42.91 17.80 21.85
CA GLU A 27 41.73 18.62 22.11
C GLU A 27 41.49 19.62 20.98
N ASN A 45 25.80 6.99 25.39
CA ASN A 45 25.16 7.31 24.12
C ASN A 45 25.73 8.57 23.47
N ARG A 46 26.04 9.58 24.28
CA ARG A 46 26.67 10.78 23.76
C ARG A 46 27.96 10.39 23.04
N ARG A 47 28.65 9.40 23.61
CA ARG A 47 29.87 8.88 23.01
C ARG A 47 29.55 8.11 21.74
N VAL A 48 28.60 7.18 21.84
CA VAL A 48 28.18 6.39 20.69
C VAL A 48 27.79 7.28 19.50
N TRP A 49 27.23 8.44 19.80
CA TRP A 49 26.82 9.36 18.75
C TRP A 49 28.03 10.02 18.09
N GLU A 50 29.07 10.26 18.87
CA GLU A 50 30.28 10.87 18.34
C GLU A 50 31.09 9.89 17.49
N LEU A 51 31.15 8.63 17.94
CA LEU A 51 31.82 7.59 17.18
C LEU A 51 31.21 7.49 15.77
N SER A 52 29.89 7.59 15.69
CA SER A 52 29.21 7.55 14.40
C SER A 52 29.67 8.70 13.51
N LYS A 53 29.86 9.88 14.10
CA LYS A 53 30.41 11.01 13.36
C LYS A 53 31.80 10.67 12.85
N ALA A 54 32.65 10.17 13.74
CA ALA A 54 33.96 9.69 13.36
C ALA A 54 33.80 8.75 12.17
N ASN A 55 33.08 7.65 12.40
CA ASN A 55 32.88 6.64 11.37
C ASN A 55 32.39 7.22 10.05
N SER A 56 31.55 8.25 10.14
CA SER A 56 31.00 8.88 8.94
C SER A 56 32.01 9.79 8.24
N ARG A 57 32.92 10.38 9.01
CA ARG A 57 33.96 11.20 8.42
C ARG A 57 34.89 10.33 7.57
N PHE A 58 35.31 9.21 8.12
CA PHE A 58 36.14 8.29 7.36
C PHE A 58 35.41 7.82 6.11
N ALA A 59 34.14 7.45 6.27
CA ALA A 59 33.33 6.94 5.17
C ALA A 59 33.39 7.83 3.95
N THR A 60 32.96 9.08 4.10
CA THR A 60 32.89 10.01 2.98
C THR A 60 34.29 10.29 2.41
N THR A 61 35.27 10.47 3.29
CA THR A 61 36.64 10.67 2.84
C THR A 61 37.10 9.49 1.99
N PHE A 62 37.07 8.30 2.57
CA PHE A 62 37.52 7.11 1.88
C PHE A 62 36.77 6.94 0.57
N TYR A 63 35.48 7.26 0.56
CA TYR A 63 34.71 7.17 -0.65
C TYR A 63 35.28 8.08 -1.74
N GLN A 64 35.65 9.30 -1.36
CA GLN A 64 36.19 10.27 -2.31
C GLN A 64 37.49 9.75 -2.92
N HIS A 65 38.36 9.21 -2.08
CA HIS A 65 39.60 8.62 -2.56
C HIS A 65 39.26 7.48 -3.51
N LEU A 66 38.43 6.55 -3.05
CA LEU A 66 38.05 5.40 -3.86
C LEU A 66 37.46 5.85 -5.18
N ALA A 67 36.72 6.95 -5.15
CA ALA A 67 36.07 7.47 -6.35
C ALA A 67 37.09 7.97 -7.37
N ASP A 68 38.06 8.77 -6.91
CA ASP A 68 39.08 9.33 -7.80
C ASP A 68 39.91 8.25 -8.48
N SER A 69 40.00 7.08 -7.86
CA SER A 69 40.75 5.97 -8.43
C SER A 69 39.90 5.13 -9.39
N LYS A 70 38.64 5.53 -9.57
CA LYS A 70 37.71 4.77 -10.41
C LYS A 70 37.19 5.56 -11.60
N ASN A 71 36.64 4.86 -12.58
CA ASN A 71 36.04 5.52 -13.74
C ASN A 71 34.60 5.97 -13.48
N ASP A 72 34.27 7.15 -13.99
CA ASP A 72 32.97 7.77 -13.74
C ASP A 72 31.76 6.86 -13.99
N ASN A 73 31.80 6.04 -15.03
CA ASN A 73 30.68 5.14 -15.31
C ASN A 73 30.80 3.74 -14.71
N ASP A 74 31.65 3.61 -13.70
CA ASP A 74 31.74 2.36 -12.95
C ASP A 74 30.93 2.47 -11.66
N ASN A 75 30.19 1.42 -11.34
CA ASN A 75 29.46 1.40 -10.09
C ASN A 75 30.42 1.32 -8.93
N ILE A 76 29.97 1.77 -7.76
CA ILE A 76 30.77 1.68 -6.55
C ILE A 76 29.86 1.20 -5.43
N PHE A 77 30.34 0.26 -4.63
CA PHE A 77 29.61 -0.15 -3.43
C PHE A 77 30.54 -0.71 -2.37
N LEU A 78 30.30 -0.35 -1.13
CA LEU A 78 31.11 -0.81 -0.01
C LEU A 78 30.38 -0.56 1.30
N SER A 79 30.88 -1.17 2.37
CA SER A 79 30.35 -0.91 3.70
C SER A 79 31.46 -0.39 4.59
N PRO A 80 31.51 0.94 4.76
CA PRO A 80 32.55 1.62 5.53
C PRO A 80 32.47 1.26 7.01
N LEU A 81 31.27 0.92 7.49
CA LEU A 81 31.11 0.50 8.87
C LEU A 81 31.92 -0.77 9.06
N SER A 82 31.76 -1.69 8.13
CA SER A 82 32.53 -2.92 8.10
C SER A 82 34.03 -2.64 8.17
N ILE A 83 34.49 -1.72 7.32
CA ILE A 83 35.91 -1.40 7.26
C ILE A 83 36.41 -0.81 8.57
N SER A 84 35.72 0.20 9.07
CA SER A 84 36.09 0.82 10.33
C SER A 84 36.19 -0.26 11.42
N THR A 85 35.21 -1.16 11.42
CA THR A 85 35.16 -2.23 12.40
C THR A 85 36.38 -3.15 12.28
N ALA A 86 36.71 -3.52 11.05
CA ALA A 86 37.86 -4.39 10.81
C ALA A 86 39.14 -3.77 11.37
N PHE A 87 39.38 -2.50 11.05
CA PHE A 87 40.60 -1.83 11.47
C PHE A 87 40.56 -1.42 12.94
N ALA A 88 39.36 -1.33 13.49
CA ALA A 88 39.21 -1.06 14.92
C ALA A 88 39.66 -2.31 15.67
N MET A 89 39.28 -3.47 15.14
CA MET A 89 39.69 -4.74 15.69
C MET A 89 41.21 -4.86 15.67
N THR A 90 41.80 -4.55 14.52
CA THR A 90 43.25 -4.59 14.35
C THR A 90 43.92 -3.65 15.33
N LYS A 91 43.29 -2.51 15.57
CA LYS A 91 43.84 -1.49 16.47
C LYS A 91 44.03 -2.03 17.88
N LEU A 92 43.36 -3.14 18.20
CA LEU A 92 43.45 -3.73 19.53
C LEU A 92 44.89 -4.09 19.88
N GLY A 93 45.66 -4.52 18.89
CA GLY A 93 47.05 -4.89 19.11
C GLY A 93 48.02 -3.80 18.68
N ALA A 94 47.48 -2.71 18.16
CA ALA A 94 48.32 -1.63 17.63
C ALA A 94 49.10 -0.92 18.72
N CYS A 95 50.20 -0.29 18.32
CA CYS A 95 51.06 0.42 19.25
C CYS A 95 51.87 1.49 18.53
N ASN A 96 52.39 2.46 19.28
CA ASN A 96 53.23 3.51 18.71
C ASN A 96 52.55 4.26 17.58
N ASP A 97 53.29 4.50 16.50
CA ASP A 97 52.78 5.24 15.36
C ASP A 97 51.66 4.50 14.65
N THR A 98 51.81 3.18 14.50
CA THR A 98 50.75 2.36 13.94
C THR A 98 49.43 2.68 14.63
N LEU A 99 49.42 2.62 15.95
CA LEU A 99 48.24 2.96 16.73
C LEU A 99 47.73 4.35 16.39
N GLN A 100 48.61 5.34 16.46
CA GLN A 100 48.22 6.72 16.17
C GLN A 100 47.62 6.85 14.78
N GLN A 101 48.36 6.39 13.77
CA GLN A 101 47.90 6.46 12.38
C GLN A 101 46.46 5.95 12.26
N LEU A 102 46.19 4.81 12.90
CA LEU A 102 44.84 4.26 12.93
C LEU A 102 43.85 5.26 13.53
N MET A 103 44.15 5.73 14.73
CA MET A 103 43.30 6.69 15.42
C MET A 103 43.02 7.91 14.54
N GLU A 104 43.99 8.27 13.73
CA GLU A 104 43.88 9.44 12.87
C GLU A 104 43.16 9.15 11.56
N VAL A 105 43.61 8.11 10.86
CA VAL A 105 43.04 7.78 9.55
C VAL A 105 41.54 7.46 9.63
N PHE A 106 41.13 6.82 10.72
CA PHE A 106 39.72 6.47 10.89
C PHE A 106 38.98 7.49 11.74
N LYS A 107 39.66 8.59 12.05
CA LYS A 107 39.07 9.73 12.73
C LYS A 107 38.61 9.45 14.16
N PHE A 108 39.08 8.35 14.73
CA PHE A 108 38.76 8.03 16.12
C PHE A 108 39.27 9.12 17.05
N ASP A 109 40.29 9.85 16.62
CA ASP A 109 40.90 10.89 17.43
C ASP A 109 40.05 12.16 17.45
N THR A 110 38.96 12.16 16.70
CA THR A 110 38.07 13.33 16.66
C THR A 110 37.11 13.33 17.84
N ILE A 111 37.10 12.25 18.61
CA ILE A 111 36.35 12.21 19.86
C ILE A 111 37.22 12.86 20.93
N SER A 112 37.29 14.17 20.87
CA SER A 112 38.20 14.98 21.70
C SER A 112 38.50 14.39 23.08
N GLU A 113 39.77 14.40 23.44
CA GLU A 113 40.23 13.98 24.76
C GLU A 113 39.74 12.59 25.17
N LYS A 114 39.96 11.61 24.30
CA LYS A 114 39.64 10.23 24.61
C LYS A 114 40.89 9.37 24.55
N THR A 115 40.73 8.05 24.58
CA THR A 115 41.87 7.16 24.55
C THR A 115 41.60 5.85 23.83
N SER A 116 42.58 5.41 23.06
CA SER A 116 42.48 4.15 22.32
C SER A 116 41.42 3.23 22.90
N ASP A 117 41.65 2.75 24.12
CA ASP A 117 40.80 1.74 24.73
C ASP A 117 39.33 2.16 24.82
N GLN A 118 39.09 3.45 25.03
CA GLN A 118 37.72 3.94 25.16
C GLN A 118 36.95 3.80 23.85
N ILE A 119 37.63 3.99 22.73
CA ILE A 119 37.01 3.83 21.42
C ILE A 119 36.37 2.45 21.32
N HIS A 120 36.99 1.47 21.93
CA HIS A 120 36.49 0.10 21.88
C HIS A 120 35.28 -0.10 22.79
N PHE A 121 35.17 0.73 23.82
CA PHE A 121 33.99 0.69 24.65
C PHE A 121 32.81 1.26 23.87
N PHE A 122 33.06 2.37 23.17
CA PHE A 122 32.01 3.00 22.38
C PHE A 122 31.56 2.11 21.24
N PHE A 123 32.49 1.32 20.69
CA PHE A 123 32.15 0.43 19.59
C PHE A 123 31.28 -0.71 20.11
N ALA A 124 31.56 -1.16 21.33
CA ALA A 124 30.74 -2.17 21.97
C ALA A 124 29.30 -1.66 22.07
N LYS A 125 29.16 -0.39 22.45
CA LYS A 125 27.84 0.22 22.56
C LYS A 125 27.21 0.39 21.19
N LEU A 126 27.98 0.95 20.25
CA LEU A 126 27.49 1.15 18.90
C LEU A 126 26.97 -0.16 18.31
N ASN A 127 27.73 -1.24 18.51
CA ASN A 127 27.37 -2.56 18.00
C ASN A 127 26.07 -3.07 18.62
N CYS A 128 25.97 -2.97 19.94
CA CYS A 128 24.75 -3.38 20.63
C CYS A 128 23.52 -2.79 19.98
N ARG A 129 23.46 -1.47 19.91
CA ARG A 129 22.28 -0.79 19.40
C ARG A 129 22.10 -1.05 17.91
N LEU A 130 23.15 -1.53 17.26
CA LEU A 130 23.09 -1.84 15.83
C LEU A 130 22.58 -3.24 15.55
N TYR A 131 23.17 -4.22 16.21
CA TYR A 131 22.90 -5.62 15.90
C TYR A 131 22.07 -6.32 16.97
N ARG A 132 22.49 -6.21 18.23
CA ARG A 132 21.79 -6.88 19.33
C ARG A 132 20.32 -6.50 19.40
N LYS A 133 20.02 -5.20 19.31
CA LYS A 133 18.64 -4.74 19.27
C LYS A 133 17.89 -5.51 18.17
N ALA A 134 17.08 -6.48 18.58
CA ALA A 134 16.36 -7.32 17.64
C ALA A 134 14.88 -6.91 17.53
N ASN A 135 14.24 -7.35 16.45
CA ASN A 135 12.89 -6.91 16.11
C ASN A 135 12.91 -6.39 14.67
N LYS A 136 12.64 -7.29 13.74
CA LYS A 136 13.01 -7.07 12.34
C LYS A 136 11.97 -6.41 11.44
N ALA A 137 11.57 -7.13 10.40
CA ALA A 137 10.92 -6.53 9.24
C ALA A 137 12.05 -6.04 8.36
N SER A 138 13.13 -5.63 9.00
CA SER A 138 14.39 -5.31 8.35
C SER A 138 15.52 -5.89 9.21
N LYS A 139 16.38 -6.69 8.58
CA LYS A 139 17.39 -7.43 9.33
C LYS A 139 18.82 -6.95 9.01
N LEU A 140 19.57 -6.58 10.05
CA LEU A 140 20.97 -6.20 9.89
C LEU A 140 21.85 -7.08 10.77
N VAL A 141 22.62 -7.98 10.16
CA VAL A 141 23.45 -8.90 10.92
C VAL A 141 24.94 -8.69 10.68
N SER A 142 25.72 -8.79 11.76
CA SER A 142 27.16 -8.61 11.70
C SER A 142 27.89 -9.86 12.17
N ALA A 143 28.86 -10.32 11.38
CA ALA A 143 29.66 -11.48 11.76
C ALA A 143 31.15 -11.20 11.63
N ASN A 144 31.88 -11.39 12.73
CA ASN A 144 33.32 -11.19 12.75
C ASN A 144 34.04 -12.44 13.25
N ARG A 145 35.11 -12.82 12.55
CA ARG A 145 35.92 -13.93 13.03
C ARG A 145 37.41 -13.72 12.79
N LEU A 146 38.21 -14.21 13.72
CA LEU A 146 39.65 -14.23 13.59
C LEU A 146 40.12 -15.64 13.26
N PHE A 147 40.95 -15.76 12.23
CA PHE A 147 41.53 -17.04 11.87
C PHE A 147 43.04 -16.99 12.06
N GLY A 148 43.52 -17.53 13.17
CA GLY A 148 44.93 -17.44 13.52
C GLY A 148 45.69 -18.74 13.38
N ASP A 149 47.00 -18.63 13.18
CA ASP A 149 47.85 -19.81 12.99
C ASP A 149 47.65 -20.85 14.08
N LYS A 150 47.39 -22.07 13.65
CA LYS A 150 47.09 -23.19 14.53
C LYS A 150 48.15 -23.43 15.59
N SER A 151 49.38 -23.00 15.32
CA SER A 151 50.52 -23.35 16.17
C SER A 151 51.13 -22.18 16.94
N LEU A 152 50.43 -21.05 16.97
CA LEU A 152 50.90 -19.90 17.72
C LEU A 152 50.12 -19.71 19.01
N THR A 153 50.68 -18.97 19.94
CA THR A 153 50.01 -18.65 21.20
C THR A 153 49.57 -17.18 21.19
N PHE A 154 48.28 -16.96 21.00
CA PHE A 154 47.74 -15.61 20.90
C PHE A 154 47.51 -14.97 22.27
N ASN A 155 47.73 -13.67 22.34
CA ASN A 155 47.52 -12.94 23.59
C ASN A 155 46.08 -13.07 24.08
N GLU A 156 45.91 -13.52 25.31
CA GLU A 156 44.57 -13.79 25.83
C GLU A 156 43.71 -12.54 26.02
N THR A 157 44.34 -11.39 26.26
CA THR A 157 43.57 -10.17 26.37
C THR A 157 42.96 -9.82 25.02
N TYR A 158 43.79 -9.90 23.98
CA TYR A 158 43.34 -9.67 22.62
C TYR A 158 42.17 -10.62 22.30
N GLN A 159 42.39 -11.91 22.53
CA GLN A 159 41.32 -12.90 22.38
C GLN A 159 40.02 -12.42 23.03
N ASP A 160 40.07 -12.28 24.35
CA ASP A 160 38.89 -11.95 25.14
C ASP A 160 38.17 -10.70 24.65
N ILE A 161 38.89 -9.59 24.54
CA ILE A 161 38.28 -8.33 24.13
C ILE A 161 37.68 -8.41 22.74
N SER A 162 38.39 -9.03 21.79
CA SER A 162 37.88 -9.22 20.44
C SER A 162 36.54 -9.94 20.48
N GLU A 163 36.46 -10.92 21.37
CA GLU A 163 35.25 -11.71 21.52
C GLU A 163 34.15 -10.87 22.16
N LEU A 164 34.50 -10.20 23.26
CA LEU A 164 33.55 -9.39 24.00
C LEU A 164 32.96 -8.27 23.16
N VAL A 165 33.85 -7.41 22.65
CA VAL A 165 33.42 -6.17 21.99
C VAL A 165 32.91 -6.37 20.58
N TYR A 166 33.60 -7.20 19.79
CA TYR A 166 33.27 -7.36 18.38
C TYR A 166 32.74 -8.76 18.09
N GLY A 167 32.46 -9.50 19.16
CA GLY A 167 31.92 -10.84 19.04
C GLY A 167 32.70 -11.68 18.05
N ALA A 168 34.01 -11.49 18.03
CA ALA A 168 34.86 -12.23 17.11
C ALA A 168 35.61 -13.32 17.85
N LYS A 169 35.40 -14.57 17.42
CA LYS A 169 36.09 -15.70 18.02
C LYS A 169 37.36 -16.04 17.26
N LEU A 170 38.27 -16.78 17.91
CA LEU A 170 39.54 -17.13 17.30
C LEU A 170 39.55 -18.60 16.89
N GLN A 171 39.50 -18.85 15.58
CA GLN A 171 39.57 -20.20 15.05
C GLN A 171 40.95 -20.49 14.49
N PRO A 172 41.59 -21.57 14.94
CA PRO A 172 42.92 -21.95 14.51
C PRO A 172 42.88 -22.62 13.14
N LEU A 173 43.88 -22.33 12.32
CA LEU A 173 44.01 -22.97 11.01
C LEU A 173 45.47 -23.33 10.75
N ASP A 174 45.69 -24.35 9.92
CA ASP A 174 47.03 -24.79 9.59
C ASP A 174 47.62 -23.93 8.48
N PHE A 175 47.90 -22.67 8.78
CA PHE A 175 48.47 -21.76 7.81
C PHE A 175 49.85 -22.20 7.36
N LYS A 176 50.67 -22.63 8.30
CA LYS A 176 52.06 -23.00 8.03
C LYS A 176 52.19 -24.09 6.97
N GLU A 177 51.56 -25.23 7.22
CA GLU A 177 51.75 -26.41 6.36
C GLU A 177 50.64 -26.64 5.36
N ASN A 178 49.49 -26.02 5.58
CA ASN A 178 48.33 -26.27 4.72
C ASN A 178 47.50 -25.01 4.45
N ALA A 179 48.11 -24.04 3.80
CA ALA A 179 47.43 -22.79 3.47
C ALA A 179 46.25 -23.01 2.52
N GLU A 180 46.35 -24.07 1.71
CA GLU A 180 45.28 -24.39 0.77
C GLU A 180 43.99 -24.71 1.51
N GLN A 181 44.05 -25.68 2.42
CA GLN A 181 42.90 -26.08 3.22
C GLN A 181 42.46 -24.93 4.13
N SER A 182 43.40 -24.09 4.52
CA SER A 182 43.10 -22.94 5.37
C SER A 182 42.13 -21.99 4.68
N ARG A 183 42.43 -21.63 3.44
CA ARG A 183 41.57 -20.74 2.67
C ARG A 183 40.17 -21.31 2.58
N ALA A 184 40.08 -22.62 2.39
CA ALA A 184 38.80 -23.31 2.30
C ALA A 184 37.98 -23.11 3.58
N ALA A 185 38.63 -23.31 4.72
CA ALA A 185 37.99 -23.13 6.01
C ALA A 185 37.37 -21.74 6.13
N ILE A 186 38.14 -20.73 5.74
CA ILE A 186 37.66 -19.34 5.80
C ILE A 186 36.45 -19.13 4.91
N ASN A 187 36.52 -19.60 3.67
CA ASN A 187 35.44 -19.43 2.71
C ASN A 187 34.17 -20.17 3.10
N LYS A 188 34.31 -21.40 3.57
CA LYS A 188 33.16 -22.17 4.03
C LYS A 188 32.39 -21.38 5.08
N TRP A 189 33.10 -20.56 5.84
CA TRP A 189 32.50 -19.75 6.89
C TRP A 189 31.84 -18.50 6.32
N VAL A 190 32.52 -17.82 5.41
CA VAL A 190 31.97 -16.65 4.77
C VAL A 190 30.66 -16.98 4.07
N SER A 191 30.64 -18.12 3.38
CA SER A 191 29.46 -18.57 2.66
C SER A 191 28.29 -18.79 3.61
N ASN A 192 28.57 -19.42 4.74
CA ASN A 192 27.56 -19.67 5.77
C ASN A 192 27.00 -18.37 6.36
N LYS A 193 27.79 -17.31 6.27
CA LYS A 193 27.37 -16.00 6.76
C LYS A 193 26.92 -15.14 5.57
N THR A 194 27.90 -14.60 4.85
CA THR A 194 27.62 -13.86 3.63
C THR A 194 27.21 -14.81 2.52
N GLU A 195 26.01 -14.62 1.99
CA GLU A 195 25.46 -15.49 0.95
C GLU A 195 26.37 -16.68 0.65
N ASP A 200 16.69 -18.88 3.16
CA ASP A 200 16.99 -17.46 3.29
C ASP A 200 17.76 -16.93 2.08
N VAL A 201 17.52 -15.67 1.75
CA VAL A 201 18.22 -15.02 0.63
C VAL A 201 19.00 -13.82 1.14
N ILE A 202 20.14 -13.56 0.49
CA ILE A 202 20.96 -12.41 0.86
C ILE A 202 21.22 -11.53 -0.36
N PRO A 203 20.50 -10.41 -0.47
CA PRO A 203 20.50 -9.52 -1.62
C PRO A 203 21.49 -8.36 -1.47
N SER A 204 22.01 -8.17 -0.27
CA SER A 204 22.94 -7.08 0.00
C SER A 204 23.90 -7.45 1.12
N GLU A 205 25.20 -7.33 0.86
CA GLU A 205 26.22 -7.73 1.81
C GLU A 205 27.56 -7.06 1.57
N ALA A 206 28.47 -7.21 2.51
CA ALA A 206 29.82 -6.68 2.38
C ALA A 206 30.80 -7.55 3.17
N ILE A 207 31.92 -7.89 2.55
CA ILE A 207 32.94 -8.71 3.19
C ILE A 207 34.29 -8.00 3.22
N ASN A 208 34.91 -7.98 4.39
CA ASN A 208 36.23 -7.37 4.55
C ASN A 208 37.25 -8.38 5.05
N VAL A 209 38.38 -8.48 4.34
CA VAL A 209 39.45 -9.40 4.72
C VAL A 209 40.78 -8.69 4.99
N LEU A 210 41.37 -8.95 6.15
CA LEU A 210 42.69 -8.44 6.50
C LEU A 210 43.67 -9.57 6.77
N VAL A 211 44.74 -9.63 5.98
CA VAL A 211 45.76 -10.66 6.18
C VAL A 211 46.95 -10.10 6.96
N LEU A 212 47.20 -10.66 8.14
CA LEU A 212 48.35 -10.30 8.94
C LEU A 212 49.44 -11.34 8.77
N VAL A 213 50.64 -10.89 8.41
CA VAL A 213 51.75 -11.80 8.17
C VAL A 213 52.96 -11.41 9.00
N ASN A 214 53.86 -12.36 9.19
CA ASN A 214 55.14 -12.10 9.84
C ASN A 214 56.21 -11.74 8.81
N THR A 215 57.37 -11.30 9.28
CA THR A 215 58.44 -10.86 8.39
C THR A 215 58.85 -11.95 7.39
N ARG A 216 58.41 -13.17 7.64
CA ARG A 216 58.77 -14.31 6.79
C ARG A 216 57.74 -14.58 5.69
N THR A 217 56.71 -13.73 5.61
CA THR A 217 55.69 -13.85 4.58
C THR A 217 54.71 -15.01 4.85
N SER A 218 54.61 -15.42 6.12
CA SER A 218 53.67 -16.46 6.51
C SER A 218 52.44 -15.87 7.18
N THR A 219 51.27 -16.36 6.79
CA THR A 219 50.02 -15.89 7.37
C THR A 219 49.94 -16.22 8.85
N VAL A 220 49.72 -15.19 9.68
CA VAL A 220 49.61 -15.37 11.11
C VAL A 220 48.16 -15.29 11.55
N LEU A 221 47.45 -14.30 11.01
CA LEU A 221 46.06 -14.08 11.36
C LEU A 221 45.30 -13.47 10.19
N VAL A 222 44.04 -13.87 10.04
CA VAL A 222 43.17 -13.27 9.04
C VAL A 222 41.91 -12.74 9.71
N LEU A 223 41.68 -11.43 9.61
CA LEU A 223 40.48 -10.82 10.17
C LEU A 223 39.37 -10.75 9.14
N VAL A 224 38.22 -11.32 9.47
CA VAL A 224 37.09 -11.34 8.55
C VAL A 224 35.86 -10.65 9.15
N ASN A 225 35.35 -9.65 8.43
CA ASN A 225 34.14 -8.93 8.84
C ASN A 225 33.05 -9.07 7.80
N THR A 226 31.87 -9.48 8.25
CA THR A 226 30.72 -9.59 7.38
C THR A 226 29.57 -8.74 7.89
N ILE A 227 28.91 -8.06 6.97
CA ILE A 227 27.71 -7.30 7.27
C ILE A 227 26.77 -7.52 6.12
N TYR A 228 25.51 -7.81 6.42
CA TYR A 228 24.52 -7.97 5.36
C TYR A 228 23.14 -7.50 5.79
N PHE A 229 22.37 -7.00 4.83
CA PHE A 229 21.10 -6.36 5.13
C PHE A 229 19.96 -6.98 4.32
N LYS A 230 18.85 -7.24 4.99
CA LYS A 230 17.66 -7.74 4.34
C LYS A 230 16.48 -6.88 4.78
N GLY A 231 15.94 -6.11 3.84
CA GLY A 231 14.90 -5.14 4.18
C GLY A 231 13.86 -4.94 3.10
N LEU A 232 12.60 -4.89 3.53
CA LEU A 232 11.48 -4.68 2.64
C LEU A 232 11.14 -3.19 2.65
N TRP A 233 10.94 -2.62 1.47
CA TRP A 233 10.55 -1.21 1.39
C TRP A 233 9.37 -0.97 2.32
N LYS A 234 9.38 0.15 3.04
CA LYS A 234 8.22 0.54 3.81
C LYS A 234 7.08 0.95 2.88
N SER A 235 7.45 1.48 1.72
CA SER A 235 6.47 1.90 0.70
C SER A 235 6.82 1.28 -0.65
N LYS A 236 6.58 -0.02 -0.78
CA LYS A 236 7.08 -0.78 -1.93
C LYS A 236 6.46 -0.38 -3.27
N PHE A 237 7.28 -0.44 -4.32
CA PHE A 237 6.82 -0.20 -5.68
C PHE A 237 5.97 -1.37 -6.15
N SER A 238 5.18 -1.15 -7.20
CA SER A 238 4.43 -2.23 -7.83
C SER A 238 5.11 -2.64 -9.13
N PRO A 239 5.49 -3.91 -9.23
CA PRO A 239 6.13 -4.42 -10.43
C PRO A 239 5.37 -4.05 -11.69
N GLU A 240 4.05 -3.94 -11.58
CA GLU A 240 3.21 -3.61 -12.71
C GLU A 240 3.56 -2.24 -13.29
N ASN A 241 4.05 -1.36 -12.42
CA ASN A 241 4.36 0.01 -12.83
C ASN A 241 5.80 0.19 -13.29
N THR A 242 6.56 -0.90 -13.27
CA THR A 242 7.95 -0.89 -13.71
C THR A 242 8.01 -1.01 -15.23
N ARG A 243 8.90 -0.24 -15.86
CA ARG A 243 9.04 -0.30 -17.32
C ARG A 243 10.44 0.04 -17.80
N LYS A 244 10.87 -0.61 -18.87
CA LYS A 244 12.19 -0.37 -19.45
C LYS A 244 12.31 1.06 -19.97
N GLU A 245 13.33 1.77 -19.52
CA GLU A 245 13.55 3.15 -19.94
C GLU A 245 15.04 3.46 -20.01
N LEU A 246 15.36 4.61 -20.59
CA LEU A 246 16.75 4.99 -20.84
C LEU A 246 17.43 5.57 -19.61
N PHE A 247 18.61 5.05 -19.31
CA PHE A 247 19.46 5.60 -18.28
C PHE A 247 20.68 6.24 -18.95
N TYR A 248 21.02 7.45 -18.54
CA TYR A 248 22.07 8.21 -19.21
C TYR A 248 23.40 8.16 -18.46
N LYS A 249 24.35 7.45 -19.04
CA LYS A 249 25.67 7.25 -18.42
C LYS A 249 26.53 8.51 -18.43
N ALA A 250 27.63 8.45 -17.69
CA ALA A 250 28.58 9.56 -17.60
C ALA A 250 29.37 9.72 -18.91
N ASP A 251 29.38 8.68 -19.73
CA ASP A 251 30.10 8.73 -21.00
C ASP A 251 29.28 9.37 -22.11
N GLY A 252 28.12 9.91 -21.76
CA GLY A 252 27.29 10.61 -22.72
C GLY A 252 26.36 9.71 -23.52
N GLU A 253 26.54 8.41 -23.39
CA GLU A 253 25.66 7.45 -24.05
C GLU A 253 24.49 7.11 -23.13
N SER A 254 23.69 6.12 -23.53
CA SER A 254 22.56 5.67 -22.71
C SER A 254 22.30 4.19 -22.92
N CYS A 255 21.60 3.59 -21.97
CA CYS A 255 21.22 2.17 -22.06
C CYS A 255 19.83 1.96 -21.47
N SER A 256 19.34 0.72 -21.56
CA SER A 256 17.99 0.41 -21.11
C SER A 256 17.95 -0.09 -19.67
N ALA A 257 17.33 0.69 -18.80
CA ALA A 257 17.21 0.32 -17.39
C ALA A 257 15.77 -0.06 -17.08
N SER A 258 15.58 -0.81 -16.00
CA SER A 258 14.25 -1.12 -15.52
C SER A 258 13.84 -0.07 -14.51
N MET A 259 13.01 0.87 -14.95
CA MET A 259 12.57 1.97 -14.09
C MET A 259 11.39 1.57 -13.21
N MET A 260 11.59 1.68 -11.90
CA MET A 260 10.53 1.49 -10.94
C MET A 260 9.80 2.81 -10.75
N TYR A 261 8.51 2.76 -10.46
CA TYR A 261 7.71 3.97 -10.34
C TYR A 261 6.74 3.92 -9.16
N GLN A 262 6.52 5.06 -8.54
CA GLN A 262 5.54 5.16 -7.48
C GLN A 262 5.39 6.60 -6.96
N GLU A 263 4.24 6.87 -6.37
CA GLU A 263 3.91 8.18 -5.86
C GLU A 263 3.65 8.06 -4.36
N GLY A 264 4.06 9.04 -3.59
CA GLY A 264 3.87 8.97 -2.14
C GLY A 264 4.59 10.01 -1.30
N LYS A 265 4.54 9.83 0.01
CA LYS A 265 5.12 10.76 0.96
C LYS A 265 6.52 10.30 1.38
N PHE A 266 7.52 11.06 0.97
CA PHE A 266 8.91 10.73 1.27
C PHE A 266 9.65 11.95 1.79
N ARG A 267 10.63 11.73 2.67
CA ARG A 267 11.47 12.83 3.12
C ARG A 267 12.38 13.26 1.97
N TYR A 268 12.38 14.55 1.67
CA TYR A 268 13.00 15.05 0.46
C TYR A 268 13.50 16.48 0.65
N ARG A 269 14.35 16.93 -0.26
CA ARG A 269 14.92 18.26 -0.19
C ARG A 269 15.69 18.58 -1.46
N ARG A 270 15.47 19.77 -2.00
CA ARG A 270 16.22 20.23 -3.17
C ARG A 270 17.28 21.24 -2.76
N VAL A 271 18.51 20.76 -2.67
CA VAL A 271 19.61 21.57 -2.14
C VAL A 271 20.38 22.34 -3.23
N ALA A 272 21.56 22.81 -2.87
CA ALA A 272 22.41 23.62 -3.76
C ALA A 272 22.34 23.23 -5.23
N GLU A 273 22.12 24.24 -6.07
CA GLU A 273 22.06 24.08 -7.52
C GLU A 273 21.51 22.74 -8.03
N GLY A 274 20.25 22.46 -7.71
CA GLY A 274 19.51 21.39 -8.36
C GLY A 274 19.54 20.02 -7.71
N THR A 275 20.55 19.75 -6.91
CA THR A 275 20.73 18.41 -6.34
C THR A 275 19.54 17.97 -5.50
N GLN A 276 18.99 16.80 -5.82
CA GLN A 276 17.87 16.25 -5.10
C GLN A 276 18.32 15.18 -4.11
N VAL A 277 17.90 15.33 -2.86
CA VAL A 277 18.17 14.33 -1.84
C VAL A 277 16.86 13.65 -1.43
N LEU A 278 16.85 12.33 -1.40
CA LEU A 278 15.63 11.57 -1.17
C LEU A 278 15.83 10.38 -0.24
N GLU A 279 14.98 10.26 0.78
CA GLU A 279 15.07 9.14 1.70
C GLU A 279 13.96 8.10 1.51
N LEU A 280 14.37 6.84 1.33
CA LEU A 280 13.43 5.73 1.21
C LEU A 280 13.65 4.75 2.37
N PRO A 281 12.81 4.84 3.40
CA PRO A 281 12.95 4.00 4.59
C PRO A 281 12.40 2.58 4.36
N PHE A 282 13.02 1.60 5.02
CA PHE A 282 12.52 0.24 5.00
C PHE A 282 11.58 0.03 6.17
N LYS A 283 10.86 -1.08 6.20
CA LYS A 283 9.98 -1.39 7.32
C LYS A 283 10.79 -1.33 8.60
N GLY A 284 10.26 -0.63 9.61
CA GLY A 284 10.97 -0.42 10.86
C GLY A 284 11.37 1.03 11.03
N ASP A 285 11.68 1.70 9.92
CA ASP A 285 12.01 3.12 9.92
C ASP A 285 13.38 3.42 10.54
N ASP A 286 14.01 2.40 11.12
CA ASP A 286 15.35 2.55 11.67
C ASP A 286 16.40 2.65 10.57
N ILE A 287 16.17 1.94 9.47
CA ILE A 287 17.14 1.90 8.38
C ILE A 287 16.52 2.44 7.09
N THR A 288 17.25 3.32 6.41
CA THR A 288 16.73 3.98 5.22
C THR A 288 17.77 4.00 4.11
N MET A 289 17.31 4.21 2.89
CA MET A 289 18.21 4.43 1.77
C MET A 289 18.12 5.87 1.29
N VAL A 290 19.24 6.58 1.31
CA VAL A 290 19.28 7.95 0.83
C VAL A 290 19.86 8.00 -0.58
N LEU A 291 19.18 8.69 -1.47
CA LEU A 291 19.68 8.89 -2.82
C LEU A 291 20.11 10.33 -3.03
N ILE A 292 21.23 10.52 -3.73
CA ILE A 292 21.67 11.86 -4.08
C ILE A 292 21.78 11.98 -5.61
N LEU A 293 20.90 12.80 -6.17
CA LEU A 293 20.74 12.90 -7.63
C LEU A 293 20.89 14.35 -8.09
N PRO A 294 21.97 14.64 -8.81
CA PRO A 294 22.26 15.99 -9.27
C PRO A 294 21.49 16.31 -10.55
N LYS A 295 21.31 17.60 -10.84
CA LYS A 295 20.63 17.99 -12.06
C LYS A 295 21.34 17.42 -13.27
N PRO A 296 20.65 17.38 -14.42
CA PRO A 296 21.25 16.85 -15.64
C PRO A 296 22.53 17.58 -16.02
N GLU A 297 22.56 18.89 -15.81
CA GLU A 297 23.70 19.70 -16.23
C GLU A 297 24.89 19.67 -15.26
N LYS A 298 24.69 19.10 -14.08
CA LYS A 298 25.81 18.95 -13.14
C LYS A 298 26.28 17.50 -13.07
N SER A 299 27.60 17.34 -13.05
CA SER A 299 28.22 16.03 -13.03
C SER A 299 28.25 15.43 -11.63
N LEU A 300 27.99 14.13 -11.53
CA LEU A 300 28.07 13.44 -10.27
C LEU A 300 29.46 13.64 -9.67
N ALA A 301 30.46 13.68 -10.54
CA ALA A 301 31.85 13.90 -10.12
C ALA A 301 31.97 15.11 -9.20
N LYS A 302 31.46 16.25 -9.64
CA LYS A 302 31.55 17.46 -8.84
C LYS A 302 30.91 17.24 -7.49
N VAL A 303 29.70 16.68 -7.48
CA VAL A 303 29.00 16.43 -6.23
C VAL A 303 29.84 15.55 -5.32
N GLU A 304 30.39 14.47 -5.87
CA GLU A 304 31.25 13.57 -5.10
C GLU A 304 32.38 14.35 -4.43
N LYS A 305 33.04 15.21 -5.20
CA LYS A 305 34.17 15.97 -4.69
C LYS A 305 33.74 16.97 -3.62
N GLU A 306 32.51 17.44 -3.72
CA GLU A 306 32.01 18.45 -2.79
C GLU A 306 31.40 17.84 -1.53
N LEU A 307 31.23 16.52 -1.54
CA LEU A 307 30.53 15.84 -0.45
C LEU A 307 31.38 15.72 0.81
N THR A 308 31.45 16.79 1.60
CA THR A 308 32.12 16.73 2.89
C THR A 308 31.16 16.21 3.95
N PRO A 309 31.71 15.57 4.99
CA PRO A 309 30.90 15.07 6.10
C PRO A 309 29.88 16.10 6.60
N GLU A 310 30.33 17.34 6.74
CA GLU A 310 29.46 18.42 7.22
C GLU A 310 28.30 18.70 6.28
N VAL A 311 28.59 18.81 4.99
CA VAL A 311 27.54 19.04 4.00
C VAL A 311 26.51 17.92 4.06
N LEU A 312 26.99 16.68 4.03
CA LEU A 312 26.12 15.51 4.05
C LEU A 312 25.16 15.56 5.24
N GLN A 313 25.70 15.83 6.42
CA GLN A 313 24.88 15.94 7.62
C GLN A 313 23.83 17.02 7.43
N GLU A 314 24.27 18.19 6.94
CA GLU A 314 23.37 19.30 6.69
C GLU A 314 22.19 18.85 5.82
N TRP A 315 22.49 18.12 4.74
CA TRP A 315 21.44 17.65 3.84
C TRP A 315 20.44 16.73 4.53
N LEU A 316 20.93 15.76 5.27
CA LEU A 316 20.06 14.80 5.95
C LEU A 316 19.10 15.48 6.92
N ASP A 317 19.55 16.55 7.55
CA ASP A 317 18.71 17.30 8.49
C ASP A 317 17.59 18.05 7.78
N GLU A 318 17.92 18.71 6.68
CA GLU A 318 16.96 19.54 5.96
C GLU A 318 15.85 18.72 5.30
N LEU A 319 15.90 17.40 5.46
CA LEU A 319 14.92 16.52 4.85
C LEU A 319 13.54 16.66 5.51
N GLU A 320 12.53 16.93 4.68
CA GLU A 320 11.15 17.08 5.17
C GLU A 320 10.19 16.27 4.32
N GLU A 321 9.25 15.59 4.98
CA GLU A 321 8.25 14.81 4.26
C GLU A 321 7.63 15.68 3.18
N MET A 322 7.28 15.05 2.06
CA MET A 322 6.80 15.80 0.91
C MET A 322 6.27 14.87 -0.16
N MET A 323 5.00 15.03 -0.53
CA MET A 323 4.41 14.21 -1.57
C MET A 323 5.13 14.43 -2.90
N LEU A 324 5.54 13.34 -3.53
CA LEU A 324 6.24 13.44 -4.81
C LEU A 324 6.18 12.14 -5.60
N VAL A 325 6.55 12.21 -6.87
CA VAL A 325 6.65 11.03 -7.71
C VAL A 325 8.09 10.50 -7.65
N VAL A 326 8.25 9.18 -7.73
CA VAL A 326 9.58 8.59 -7.63
C VAL A 326 9.92 7.65 -8.79
N HIS A 327 10.80 8.11 -9.67
CA HIS A 327 11.34 7.27 -10.74
C HIS A 327 12.75 6.82 -10.38
N MET A 328 12.90 5.54 -10.08
CA MET A 328 14.18 4.97 -9.67
C MET A 328 14.40 3.61 -10.31
N PRO A 329 15.60 3.40 -10.87
CA PRO A 329 15.89 2.14 -11.55
C PRO A 329 15.98 0.99 -10.56
N ARG A 330 15.80 -0.22 -11.08
CA ARG A 330 15.89 -1.44 -10.30
C ARG A 330 17.21 -2.11 -10.65
N PHE A 331 18.11 -2.22 -9.68
CA PHE A 331 19.51 -2.56 -9.99
C PHE A 331 20.17 -3.57 -9.06
N ARG A 332 21.29 -4.11 -9.55
CA ARG A 332 22.15 -5.00 -8.79
C ARG A 332 23.58 -4.55 -9.04
N ILE A 333 24.20 -3.93 -8.04
CA ILE A 333 25.58 -3.49 -8.18
C ILE A 333 26.50 -4.25 -7.23
N GLU A 334 27.72 -4.51 -7.69
CA GLU A 334 28.71 -5.18 -6.87
C GLU A 334 30.08 -4.56 -7.09
N ASP A 335 30.95 -4.69 -6.09
CA ASP A 335 32.25 -4.06 -6.13
C ASP A 335 33.28 -4.89 -5.38
N GLY A 336 34.55 -4.66 -5.69
CA GLY A 336 35.64 -5.37 -5.03
C GLY A 336 36.95 -4.65 -5.28
N PHE A 337 37.67 -4.32 -4.22
CA PHE A 337 38.89 -3.55 -4.35
C PHE A 337 39.85 -3.77 -3.18
N SER A 338 41.11 -3.45 -3.38
CA SER A 338 42.10 -3.49 -2.32
C SER A 338 42.01 -2.20 -1.52
N LEU A 339 42.08 -2.33 -0.19
CA LEU A 339 41.99 -1.16 0.68
C LEU A 339 43.33 -0.46 0.80
N LYS A 340 44.39 -1.18 0.43
CA LYS A 340 45.76 -0.75 0.70
C LYS A 340 46.06 0.65 0.17
N GLU A 341 46.11 0.79 -1.14
CA GLU A 341 46.48 2.06 -1.76
C GLU A 341 45.79 3.24 -1.08
N GLN A 342 44.47 3.31 -1.20
CA GLN A 342 43.72 4.44 -0.65
C GLN A 342 44.08 4.69 0.81
N LEU A 343 44.06 3.64 1.61
CA LEU A 343 44.38 3.76 3.03
C LEU A 343 45.75 4.40 3.24
N GLN A 344 46.74 3.94 2.47
CA GLN A 344 48.06 4.54 2.53
C GLN A 344 48.01 6.04 2.25
N ASP A 345 47.46 6.40 1.09
CA ASP A 345 47.34 7.81 0.73
C ASP A 345 46.65 8.59 1.83
N MET A 346 45.82 7.91 2.62
CA MET A 346 45.08 8.56 3.69
C MET A 346 45.89 8.70 4.96
N GLY A 347 47.09 8.13 4.98
CA GLY A 347 47.98 8.25 6.13
C GLY A 347 48.36 6.94 6.77
N LEU A 348 47.62 5.89 6.46
CA LEU A 348 47.86 4.58 7.06
C LEU A 348 49.05 3.91 6.38
N VAL A 349 50.25 4.13 6.92
CA VAL A 349 51.46 3.60 6.32
C VAL A 349 52.07 2.46 7.12
N ASP A 350 52.44 2.73 8.37
CA ASP A 350 53.17 1.75 9.18
C ASP A 350 52.54 0.36 9.10
N LEU A 351 51.23 0.27 9.38
CA LEU A 351 50.52 -1.00 9.45
C LEU A 351 50.84 -1.97 8.30
N PHE A 352 51.12 -1.43 7.12
CA PHE A 352 51.43 -2.26 5.97
C PHE A 352 52.94 -2.44 5.81
N SER A 353 53.69 -1.62 6.54
CA SER A 353 55.15 -1.64 6.47
C SER A 353 55.73 -2.76 7.33
N PRO A 354 56.31 -3.77 6.67
CA PRO A 354 56.94 -4.90 7.37
C PRO A 354 57.95 -4.42 8.42
N GLU A 355 58.56 -3.27 8.19
CA GLU A 355 59.57 -2.74 9.11
C GLU A 355 58.94 -1.94 10.25
N LYS A 356 58.00 -1.06 9.90
CA LYS A 356 57.41 -0.14 10.88
C LYS A 356 56.21 -0.71 11.64
N SER A 357 55.46 -1.59 10.98
CA SER A 357 54.25 -2.16 11.58
C SER A 357 54.45 -2.54 13.05
N LYS A 358 53.64 -1.94 13.92
CA LYS A 358 53.73 -2.19 15.37
C LYS A 358 52.43 -2.74 15.96
N LEU A 359 52.28 -4.07 15.91
CA LEU A 359 51.10 -4.72 16.47
C LEU A 359 51.50 -5.75 17.53
N PRO A 360 52.14 -5.29 18.62
CA PRO A 360 52.66 -6.18 19.66
C PRO A 360 51.56 -6.90 20.46
N GLY A 361 50.38 -6.28 20.56
CA GLY A 361 49.34 -6.78 21.45
C GLY A 361 48.55 -7.99 20.96
N ILE A 362 48.97 -8.54 19.82
CA ILE A 362 48.21 -9.62 19.19
C ILE A 362 48.77 -11.01 19.50
N VAL A 363 50.10 -11.13 19.53
CA VAL A 363 50.74 -12.40 19.83
C VAL A 363 51.50 -12.33 21.16
N ALA A 364 51.57 -13.44 21.86
CA ALA A 364 52.29 -13.51 23.13
C ALA A 364 53.71 -14.05 22.93
N ASP A 369 57.88 -9.85 13.46
CA ASP A 369 56.80 -8.92 13.77
C ASP A 369 55.55 -9.16 12.92
N LEU A 370 54.58 -8.26 13.06
CA LEU A 370 53.32 -8.37 12.35
C LEU A 370 53.02 -7.11 11.53
N TYR A 371 52.61 -7.31 10.29
CA TYR A 371 52.17 -6.23 9.44
C TYR A 371 51.04 -6.74 8.56
N VAL A 372 50.26 -5.82 8.00
CA VAL A 372 49.16 -6.20 7.13
C VAL A 372 49.65 -6.30 5.70
N SER A 373 49.65 -7.51 5.16
CA SER A 373 50.06 -7.74 3.78
C SER A 373 48.94 -7.38 2.81
N ASP A 374 47.73 -7.87 3.08
CA ASP A 374 46.59 -7.64 2.21
C ASP A 374 45.35 -7.15 2.94
N ALA A 375 44.59 -6.29 2.28
CA ALA A 375 43.34 -5.76 2.81
C ALA A 375 42.36 -5.47 1.68
N PHE A 376 41.52 -6.45 1.37
CA PHE A 376 40.54 -6.27 0.30
C PHE A 376 39.11 -6.30 0.81
N HIS A 377 38.20 -5.81 -0.03
CA HIS A 377 36.82 -5.60 0.34
C HIS A 377 35.95 -6.02 -0.84
N LYS A 378 34.90 -6.79 -0.54
CA LYS A 378 33.96 -7.22 -1.56
C LYS A 378 32.53 -6.95 -1.08
N ALA A 379 31.70 -6.37 -1.93
CA ALA A 379 30.33 -6.04 -1.55
C ALA A 379 29.39 -5.98 -2.76
N PHE A 380 28.09 -6.11 -2.48
CA PHE A 380 27.08 -5.95 -3.52
C PHE A 380 25.74 -5.54 -2.94
N LEU A 381 24.93 -4.86 -3.75
CA LEU A 381 23.62 -4.39 -3.33
C LEU A 381 22.57 -4.67 -4.41
N GLU A 382 21.50 -5.34 -4.03
CA GLU A 382 20.42 -5.64 -4.96
C GLU A 382 19.12 -4.97 -4.51
N VAL A 383 18.62 -4.07 -5.35
CA VAL A 383 17.37 -3.35 -5.03
C VAL A 383 16.29 -3.62 -6.08
N ASN A 384 15.06 -3.77 -5.60
CA ASN A 384 13.92 -4.04 -6.46
C ASN A 384 12.62 -3.51 -5.83
N GLU A 385 11.49 -3.78 -6.47
CA GLU A 385 10.22 -3.25 -5.98
C GLU A 385 9.95 -3.57 -4.51
N GLU A 386 10.48 -4.69 -4.04
CA GLU A 386 10.29 -5.11 -2.66
C GLU A 386 11.21 -4.37 -1.70
N GLY A 387 12.39 -4.01 -2.19
CA GLY A 387 13.41 -3.37 -1.37
C GLY A 387 14.72 -4.13 -1.49
N SER A 388 15.44 -4.28 -0.39
CA SER A 388 16.61 -5.15 -0.37
C SER A 388 16.16 -6.54 0.04
N GLU A 389 15.45 -7.20 -0.86
CA GLU A 389 14.79 -8.46 -0.56
C GLU A 389 14.48 -9.25 -1.82
N ALA A 390 13.94 -10.44 -1.64
CA ALA A 390 13.58 -11.30 -2.77
C ALA A 390 12.46 -10.69 -3.59
N ALA A 391 12.66 -10.63 -4.90
CA ALA A 391 11.62 -10.17 -5.82
C ALA A 391 10.38 -11.02 -5.61
N ALA A 392 9.21 -10.39 -5.70
CA ALA A 392 7.95 -11.08 -5.49
C ALA A 392 6.87 -10.62 -6.46
N SER A 393 5.96 -11.52 -6.80
CA SER A 393 4.80 -11.15 -7.61
C SER A 393 3.81 -10.40 -6.74
N THR A 394 3.94 -9.07 -6.73
CA THR A 394 3.13 -8.22 -5.88
C THR A 394 2.47 -7.11 -6.68
N ALA A 395 1.34 -6.62 -6.19
CA ALA A 395 0.63 -5.53 -6.85
C ALA A 395 0.22 -4.46 -5.83
N VAL A 396 -0.30 -3.34 -6.33
CA VAL A 396 -0.70 -2.25 -5.46
C VAL A 396 -1.99 -1.57 -5.95
N VAL A 397 -2.88 -1.29 -5.02
CA VAL A 397 -4.11 -0.57 -5.34
C VAL A 397 -4.29 0.63 -4.41
N ILE A 398 -4.35 1.82 -5.00
CA ILE A 398 -4.59 3.05 -4.26
C ILE A 398 -5.90 3.65 -4.72
N ALA A 399 -6.87 3.75 -3.82
CA ALA A 399 -8.25 4.08 -4.19
C ALA A 399 -8.53 5.58 -4.34
N GLY A 400 -8.86 6.23 -3.23
CA GLY A 400 -9.31 7.62 -3.27
C GLY A 400 -8.18 8.63 -3.12
N ARG A 401 -7.37 8.75 -4.17
CA ARG A 401 -6.22 9.65 -4.13
C ARG A 401 -6.21 10.65 -5.27
N SER A 402 -6.12 11.93 -4.92
CA SER A 402 -5.94 13.00 -5.89
C SER A 402 -4.82 13.92 -5.40
N LEU A 403 -3.68 13.88 -6.08
CA LEU A 403 -2.51 14.65 -5.68
C LEU A 403 -2.31 15.88 -6.55
N ASN A 404 -1.90 16.99 -5.94
CA ASN A 404 -1.64 18.22 -6.67
C ASN A 404 -0.85 17.95 -7.94
N PRO A 405 -1.35 18.42 -9.09
CA PRO A 405 -0.69 18.19 -10.37
C PRO A 405 0.63 18.95 -10.44
N ASN A 406 0.92 19.70 -9.38
CA ASN A 406 2.16 20.46 -9.29
C ASN A 406 3.06 19.95 -8.17
N ARG A 407 3.32 18.64 -8.18
CA ARG A 407 4.16 18.02 -7.17
C ARG A 407 5.56 17.75 -7.71
N VAL A 408 6.52 17.59 -6.81
CA VAL A 408 7.90 17.36 -7.21
C VAL A 408 8.07 15.96 -7.77
N THR A 409 8.96 15.82 -8.73
CA THR A 409 9.26 14.51 -9.31
C THR A 409 10.76 14.22 -9.21
N PHE A 410 11.08 12.94 -8.99
CA PHE A 410 12.46 12.52 -8.79
C PHE A 410 12.76 11.40 -9.76
N LYS A 411 13.42 11.75 -10.87
CA LYS A 411 13.70 10.78 -11.92
C LYS A 411 15.19 10.48 -11.98
N ALA A 412 15.57 9.35 -11.39
CA ALA A 412 16.96 8.93 -11.38
C ALA A 412 17.30 8.15 -12.64
N ASN A 413 17.28 8.84 -13.77
CA ASN A 413 17.71 8.23 -15.03
C ASN A 413 19.14 8.63 -15.39
N ARG A 414 19.90 8.98 -14.36
CA ARG A 414 21.30 9.32 -14.52
C ARG A 414 22.04 8.96 -13.22
N PRO A 415 23.38 8.86 -13.28
CA PRO A 415 24.12 8.41 -12.11
C PRO A 415 23.71 9.15 -10.85
N PHE A 416 23.64 8.43 -9.73
CA PHE A 416 23.26 9.01 -8.44
C PHE A 416 23.93 8.23 -7.31
N LEU A 417 24.17 8.90 -6.19
CA LEU A 417 24.77 8.25 -5.02
C LEU A 417 23.70 7.51 -4.22
N VAL A 418 24.14 6.66 -3.30
CA VAL A 418 23.21 5.91 -2.46
C VAL A 418 23.86 5.55 -1.13
N PHE A 419 23.16 5.82 -0.04
CA PHE A 419 23.60 5.39 1.28
C PHE A 419 22.54 4.52 1.92
N ILE A 420 22.95 3.64 2.81
CA ILE A 420 22.02 2.89 3.62
C ILE A 420 22.35 3.12 5.08
N ARG A 421 21.70 4.10 5.68
CA ARG A 421 22.05 4.52 7.03
C ARG A 421 21.07 4.05 8.12
N GLU A 422 21.60 3.91 9.32
CA GLU A 422 20.78 3.65 10.50
C GLU A 422 20.52 5.01 11.13
N VAL A 423 19.27 5.44 11.14
CA VAL A 423 18.95 6.82 11.52
C VAL A 423 19.15 7.11 13.01
N PRO A 424 18.45 6.37 13.89
CA PRO A 424 18.63 6.56 15.31
C PRO A 424 20.10 6.78 15.66
N LEU A 425 20.96 5.87 15.22
CA LEU A 425 22.39 5.94 15.53
C LEU A 425 23.13 6.85 14.55
N ASN A 426 22.47 7.17 13.44
CA ASN A 426 23.07 8.06 12.46
C ASN A 426 24.38 7.55 11.88
N THR A 427 24.42 6.28 11.47
CA THR A 427 25.64 5.70 10.93
C THR A 427 25.44 5.17 9.51
N ILE A 428 26.44 5.36 8.67
CA ILE A 428 26.38 4.95 7.27
C ILE A 428 26.79 3.49 7.12
N ILE A 429 25.80 2.61 7.02
CA ILE A 429 26.07 1.18 6.96
C ILE A 429 26.71 0.76 5.65
N PHE A 430 26.09 1.17 4.55
CA PHE A 430 26.65 0.96 3.22
C PHE A 430 26.65 2.31 2.51
N MET A 431 27.36 2.37 1.39
CA MET A 431 27.29 3.53 0.50
C MET A 431 27.85 3.15 -0.85
N GLY A 432 27.53 3.93 -1.87
CA GLY A 432 28.03 3.64 -3.20
C GLY A 432 27.50 4.57 -4.27
N ARG A 433 27.62 4.14 -5.52
CA ARG A 433 27.24 4.96 -6.64
C ARG A 433 26.61 4.06 -7.68
N VAL A 434 25.51 4.52 -8.26
CA VAL A 434 24.88 3.80 -9.34
C VAL A 434 25.16 4.55 -10.64
N ALA A 435 26.18 4.10 -11.34
CA ALA A 435 26.60 4.74 -12.59
C ALA A 435 25.98 4.03 -13.78
N ASN A 436 25.69 2.74 -13.61
CA ASN A 436 25.04 1.95 -14.64
C ASN A 436 24.22 0.82 -14.03
N PRO A 437 22.88 0.94 -14.09
CA PRO A 437 22.01 -0.08 -13.56
C PRO A 437 21.62 -1.09 -14.63
N CYS A 438 22.01 -0.81 -15.87
CA CYS A 438 21.61 -1.62 -17.02
C CYS A 438 22.18 -3.03 -17.00
N VAL A 439 21.29 -4.01 -17.14
CA VAL A 439 21.70 -5.41 -17.17
C VAL A 439 21.76 -5.92 -18.61
N LYS A 440 22.98 -6.20 -19.08
CA LYS A 440 23.17 -6.70 -20.43
C LYS A 440 24.52 -7.41 -20.60
N ILE B 7 -44.29 -19.08 2.98
CA ILE B 7 -44.08 -18.49 1.63
C ILE B 7 -42.71 -18.84 1.05
N CYS B 8 -41.66 -18.33 1.69
CA CYS B 8 -40.30 -18.65 1.25
C CYS B 8 -40.24 -20.11 0.82
N THR B 9 -40.80 -20.98 1.65
CA THR B 9 -40.93 -22.39 1.30
C THR B 9 -42.26 -22.61 0.58
N ALA B 10 -42.23 -23.40 -0.48
CA ALA B 10 -43.43 -23.68 -1.27
C ALA B 10 -43.12 -23.68 -2.76
N LYS B 11 -44.16 -23.82 -3.57
CA LYS B 11 -44.01 -23.83 -5.03
C LYS B 11 -45.09 -22.97 -5.69
N PRO B 12 -45.03 -22.84 -7.03
CA PRO B 12 -46.01 -22.08 -7.78
C PRO B 12 -47.42 -22.62 -7.57
N ILE B 15 -49.49 -22.01 -3.47
CA ILE B 15 -50.08 -20.67 -3.40
C ILE B 15 -50.23 -20.06 -4.79
N PRO B 16 -51.40 -19.47 -5.06
CA PRO B 16 -51.69 -18.86 -6.34
C PRO B 16 -51.57 -17.34 -6.31
N MET B 17 -51.66 -16.73 -7.48
CA MET B 17 -51.65 -15.27 -7.59
C MET B 17 -52.71 -14.84 -8.59
N ASN B 18 -53.47 -13.82 -8.24
CA ASN B 18 -54.54 -13.32 -9.10
C ASN B 18 -54.39 -11.84 -9.43
N PRO B 19 -53.64 -11.54 -10.50
CA PRO B 19 -53.41 -10.17 -10.94
C PRO B 19 -54.42 -9.73 -12.00
N MET B 20 -54.71 -8.43 -12.03
CA MET B 20 -55.71 -7.89 -12.94
C MET B 20 -55.15 -7.72 -14.35
N CYS B 21 -54.08 -8.45 -14.67
CA CYS B 21 -53.45 -8.36 -15.99
C CYS B 21 -52.19 -9.19 -16.09
N ILE B 22 -52.21 -10.20 -16.96
CA ILE B 22 -51.04 -11.00 -17.24
C ILE B 22 -50.45 -10.60 -18.59
N TYR B 23 -49.24 -11.04 -18.89
CA TYR B 23 -48.60 -10.72 -20.16
C TYR B 23 -47.50 -11.73 -20.51
N THR B 44 -36.75 -24.51 -10.41
CA THR B 44 -37.11 -23.17 -9.99
C THR B 44 -35.87 -22.30 -9.80
N ASN B 45 -34.82 -22.88 -9.21
CA ASN B 45 -33.57 -22.16 -8.99
C ASN B 45 -33.02 -21.51 -10.26
N ARG B 46 -33.36 -22.09 -11.41
CA ARG B 46 -32.97 -21.53 -12.69
C ARG B 46 -33.71 -20.23 -12.97
N ARG B 47 -34.89 -20.09 -12.36
CA ARG B 47 -35.69 -18.89 -12.49
C ARG B 47 -35.13 -17.78 -11.60
N VAL B 48 -34.90 -18.09 -10.34
CA VAL B 48 -34.32 -17.13 -9.41
C VAL B 48 -33.00 -16.60 -9.94
N TRP B 49 -32.29 -17.44 -10.69
CA TRP B 49 -31.01 -17.05 -11.29
C TRP B 49 -31.19 -16.11 -12.47
N GLU B 50 -32.05 -16.49 -13.42
CA GLU B 50 -32.33 -15.67 -14.58
C GLU B 50 -32.88 -14.31 -14.16
N LEU B 51 -33.52 -14.27 -13.00
CA LEU B 51 -34.04 -13.03 -12.45
C LEU B 51 -32.89 -12.12 -12.05
N SER B 52 -31.92 -12.67 -11.33
CA SER B 52 -30.77 -11.91 -10.88
C SER B 52 -30.02 -11.30 -12.07
N LYS B 53 -29.98 -12.05 -13.17
CA LYS B 53 -29.37 -11.55 -14.39
C LYS B 53 -30.14 -10.35 -14.91
N ALA B 54 -31.47 -10.46 -14.86
CA ALA B 54 -32.35 -9.39 -15.33
C ALA B 54 -32.14 -8.11 -14.53
N ASN B 55 -32.10 -8.23 -13.21
CA ASN B 55 -31.85 -7.09 -12.34
C ASN B 55 -30.51 -6.43 -12.60
N SER B 56 -29.48 -7.25 -12.78
CA SER B 56 -28.14 -6.75 -13.07
C SER B 56 -28.13 -5.90 -14.35
N ARG B 57 -28.71 -6.41 -15.42
CA ARG B 57 -28.77 -5.65 -16.66
C ARG B 57 -29.44 -4.30 -16.46
N PHE B 58 -30.57 -4.28 -15.77
CA PHE B 58 -31.20 -3.01 -15.42
C PHE B 58 -30.22 -2.15 -14.64
N ALA B 59 -29.59 -2.75 -13.64
CA ALA B 59 -28.61 -2.07 -12.80
C ALA B 59 -27.61 -1.28 -13.65
N THR B 60 -26.90 -1.97 -14.52
CA THR B 60 -25.89 -1.33 -15.36
C THR B 60 -26.53 -0.34 -16.31
N THR B 61 -27.56 -0.78 -17.02
CA THR B 61 -28.28 0.07 -17.96
C THR B 61 -28.72 1.34 -17.26
N PHE B 62 -29.29 1.18 -16.07
CA PHE B 62 -29.74 2.32 -15.30
C PHE B 62 -28.56 3.18 -14.86
N TYR B 63 -27.53 2.54 -14.33
CA TYR B 63 -26.35 3.27 -13.87
C TYR B 63 -25.81 4.16 -14.97
N GLN B 64 -25.74 3.62 -16.19
CA GLN B 64 -25.24 4.37 -17.34
C GLN B 64 -26.03 5.65 -17.55
N HIS B 65 -27.35 5.53 -17.65
CA HIS B 65 -28.20 6.70 -17.82
C HIS B 65 -27.98 7.70 -16.69
N LEU B 66 -28.07 7.20 -15.46
CA LEU B 66 -27.87 8.05 -14.29
C LEU B 66 -26.53 8.78 -14.36
N ALA B 67 -25.55 8.14 -14.98
CA ALA B 67 -24.23 8.73 -15.16
C ALA B 67 -24.28 9.88 -16.17
N ASP B 68 -24.97 9.66 -17.28
CA ASP B 68 -25.08 10.64 -18.34
C ASP B 68 -25.71 11.96 -17.88
N SER B 69 -26.38 11.93 -16.73
CA SER B 69 -27.05 13.12 -16.22
C SER B 69 -26.24 13.83 -15.14
N LYS B 70 -25.13 13.20 -14.73
CA LYS B 70 -24.29 13.77 -13.68
C LYS B 70 -22.90 14.14 -14.17
N ASN B 71 -22.09 14.71 -13.27
CA ASN B 71 -20.73 15.09 -13.58
C ASN B 71 -19.78 13.90 -13.44
N ASP B 72 -18.83 13.79 -14.36
CA ASP B 72 -17.86 12.70 -14.36
C ASP B 72 -17.07 12.63 -13.05
N ASN B 73 -16.91 13.78 -12.41
CA ASN B 73 -16.21 13.85 -11.13
C ASN B 73 -17.18 14.04 -9.97
N ASP B 74 -18.34 13.38 -10.07
CA ASP B 74 -19.37 13.51 -9.06
C ASP B 74 -19.66 12.16 -8.39
N ASN B 75 -19.99 12.21 -7.10
CA ASN B 75 -20.33 11.00 -6.34
C ASN B 75 -21.58 10.32 -6.87
N ILE B 76 -21.64 9.00 -6.71
CA ILE B 76 -22.83 8.25 -7.07
C ILE B 76 -22.96 6.99 -6.22
N PHE B 77 -24.14 6.77 -5.67
CA PHE B 77 -24.41 5.56 -4.91
C PHE B 77 -25.89 5.23 -4.90
N LEU B 78 -26.21 3.97 -5.18
CA LEU B 78 -27.59 3.54 -5.24
C LEU B 78 -27.69 2.03 -5.01
N SER B 79 -28.88 1.58 -4.64
CA SER B 79 -29.16 0.15 -4.64
C SER B 79 -30.11 -0.19 -5.78
N PRO B 80 -29.57 -0.74 -6.88
CA PRO B 80 -30.42 -1.16 -7.98
C PRO B 80 -31.44 -2.20 -7.53
N LEU B 81 -31.02 -3.07 -6.62
CA LEU B 81 -31.90 -4.12 -6.13
C LEU B 81 -33.17 -3.51 -5.54
N SER B 82 -33.01 -2.41 -4.82
CA SER B 82 -34.13 -1.71 -4.22
C SER B 82 -35.11 -1.25 -5.29
N ILE B 83 -34.60 -0.52 -6.27
CA ILE B 83 -35.45 0.00 -7.34
C ILE B 83 -36.19 -1.12 -8.06
N SER B 84 -35.47 -2.19 -8.37
CA SER B 84 -36.08 -3.37 -8.98
C SER B 84 -37.17 -3.95 -8.09
N THR B 85 -37.08 -3.68 -6.79
CA THR B 85 -38.08 -4.17 -5.85
C THR B 85 -39.30 -3.25 -5.82
N ALA B 86 -39.07 -1.97 -5.51
CA ALA B 86 -40.16 -0.99 -5.48
C ALA B 86 -41.03 -1.09 -6.73
N PHE B 87 -40.39 -1.20 -7.89
CA PHE B 87 -41.14 -1.23 -9.15
C PHE B 87 -41.76 -2.58 -9.45
N ALA B 88 -41.21 -3.64 -8.88
CA ALA B 88 -41.86 -4.95 -8.97
C ALA B 88 -43.16 -4.92 -8.18
N MET B 89 -43.12 -4.24 -7.02
CA MET B 89 -44.30 -4.10 -6.18
C MET B 89 -45.38 -3.33 -6.94
N THR B 90 -44.97 -2.24 -7.59
CA THR B 90 -45.89 -1.41 -8.35
C THR B 90 -46.48 -2.17 -9.53
N LYS B 91 -45.66 -2.99 -10.17
CA LYS B 91 -46.09 -3.75 -11.33
C LYS B 91 -47.33 -4.58 -11.03
N LEU B 92 -47.48 -4.98 -9.77
CA LEU B 92 -48.61 -5.82 -9.35
C LEU B 92 -49.96 -5.17 -9.62
N GLY B 93 -49.95 -3.90 -10.00
CA GLY B 93 -51.21 -3.18 -10.23
C GLY B 93 -51.31 -2.50 -11.58
N ALA B 94 -50.45 -2.92 -12.51
CA ALA B 94 -50.42 -2.30 -13.84
C ALA B 94 -51.14 -3.16 -14.88
N CYS B 95 -51.44 -2.56 -16.02
CA CYS B 95 -52.12 -3.27 -17.11
C CYS B 95 -51.64 -2.87 -18.50
N ASN B 96 -51.89 -3.74 -19.47
CA ASN B 96 -51.60 -3.48 -20.88
C ASN B 96 -50.18 -2.99 -21.14
N ASP B 97 -50.07 -1.75 -21.63
CA ASP B 97 -48.78 -1.15 -21.96
C ASP B 97 -47.90 -0.93 -20.74
N THR B 98 -48.47 -0.35 -19.69
CA THR B 98 -47.73 -0.09 -18.46
C THR B 98 -47.11 -1.37 -17.92
N LEU B 99 -47.93 -2.41 -17.78
CA LEU B 99 -47.44 -3.71 -17.33
C LEU B 99 -46.31 -4.22 -18.22
N GLN B 100 -46.52 -4.16 -19.54
CA GLN B 100 -45.53 -4.63 -20.50
C GLN B 100 -44.20 -3.89 -20.33
N GLN B 101 -44.26 -2.56 -20.39
CA GLN B 101 -43.07 -1.74 -20.26
C GLN B 101 -42.29 -2.10 -19.00
N LEU B 102 -42.98 -2.18 -17.87
CA LEU B 102 -42.34 -2.56 -16.62
C LEU B 102 -41.65 -3.91 -16.76
N MET B 103 -42.32 -4.85 -17.42
CA MET B 103 -41.76 -6.17 -17.65
C MET B 103 -40.50 -6.10 -18.48
N GLU B 104 -40.39 -5.04 -19.29
CA GLU B 104 -39.25 -4.88 -20.19
C GLU B 104 -38.14 -4.06 -19.52
N VAL B 105 -38.45 -2.80 -19.20
CA VAL B 105 -37.47 -1.89 -18.64
C VAL B 105 -36.62 -2.55 -17.55
N PHE B 106 -37.28 -3.20 -16.60
CA PHE B 106 -36.58 -3.90 -15.53
C PHE B 106 -36.20 -5.31 -15.97
N LYS B 107 -36.15 -5.51 -17.28
CA LYS B 107 -35.67 -6.76 -17.88
C LYS B 107 -36.32 -8.01 -17.29
N PHE B 108 -37.58 -7.91 -16.90
CA PHE B 108 -38.29 -9.06 -16.35
C PHE B 108 -38.74 -10.01 -17.46
N ASP B 109 -38.87 -9.47 -18.67
CA ASP B 109 -39.28 -10.27 -19.81
C ASP B 109 -38.23 -11.33 -20.14
N THR B 110 -37.00 -11.09 -19.69
CA THR B 110 -35.90 -12.00 -19.97
C THR B 110 -36.00 -13.31 -19.19
N ILE B 111 -37.10 -13.47 -18.47
CA ILE B 111 -37.35 -14.71 -17.72
C ILE B 111 -37.91 -15.79 -18.65
N SER B 112 -38.08 -16.99 -18.12
CA SER B 112 -38.59 -18.11 -18.92
C SER B 112 -40.11 -18.25 -18.83
N GLU B 113 -40.65 -18.14 -17.62
CA GLU B 113 -42.09 -18.25 -17.41
C GLU B 113 -42.84 -17.35 -18.39
N LYS B 114 -43.95 -17.87 -18.94
CA LYS B 114 -44.70 -17.16 -19.96
C LYS B 114 -45.78 -16.25 -19.38
N THR B 115 -45.77 -16.09 -18.05
CA THR B 115 -46.78 -15.27 -17.39
C THR B 115 -46.15 -14.18 -16.51
N SER B 116 -46.41 -12.92 -16.86
CA SER B 116 -45.86 -11.78 -16.12
C SER B 116 -46.06 -11.92 -14.61
N ASP B 117 -47.20 -12.50 -14.21
CA ASP B 117 -47.50 -12.69 -12.79
C ASP B 117 -46.49 -13.61 -12.11
N GLN B 118 -45.88 -14.50 -12.88
CA GLN B 118 -44.94 -15.48 -12.34
C GLN B 118 -43.72 -14.84 -11.69
N ILE B 119 -43.24 -13.76 -12.28
CA ILE B 119 -42.05 -13.06 -11.79
C ILE B 119 -42.05 -12.90 -10.27
N HIS B 120 -43.10 -12.28 -9.75
CA HIS B 120 -43.17 -11.93 -8.34
C HIS B 120 -42.86 -13.12 -7.42
N PHE B 121 -43.18 -14.33 -7.88
CA PHE B 121 -42.91 -15.52 -7.08
C PHE B 121 -41.40 -15.79 -6.97
N PHE B 122 -40.69 -15.64 -8.08
CA PHE B 122 -39.24 -15.85 -8.09
C PHE B 122 -38.53 -14.73 -7.35
N PHE B 123 -39.02 -13.50 -7.51
CA PHE B 123 -38.48 -12.35 -6.80
C PHE B 123 -38.62 -12.58 -5.30
N ALA B 124 -39.73 -13.21 -4.91
CA ALA B 124 -39.96 -13.54 -3.50
C ALA B 124 -38.88 -14.46 -2.98
N LYS B 125 -38.51 -15.46 -3.78
CA LYS B 125 -37.47 -16.42 -3.41
C LYS B 125 -36.11 -15.74 -3.23
N LEU B 126 -35.73 -14.91 -4.20
CA LEU B 126 -34.46 -14.20 -4.16
C LEU B 126 -34.31 -13.47 -2.83
N ASN B 127 -35.32 -12.68 -2.47
CA ASN B 127 -35.33 -11.97 -1.20
C ASN B 127 -35.25 -12.94 -0.03
N CYS B 128 -35.92 -14.08 -0.16
CA CYS B 128 -35.86 -15.12 0.85
C CYS B 128 -34.41 -15.61 0.99
N ARG B 129 -33.77 -15.86 -0.15
CA ARG B 129 -32.38 -16.25 -0.17
C ARG B 129 -31.48 -15.14 0.39
N LEU B 130 -31.81 -13.90 0.03
CA LEU B 130 -31.00 -12.74 0.39
C LEU B 130 -31.10 -12.36 1.86
N TYR B 131 -32.32 -12.35 2.39
CA TYR B 131 -32.56 -11.80 3.73
C TYR B 131 -32.83 -12.88 4.78
N ARG B 132 -32.60 -14.14 4.43
CA ARG B 132 -32.79 -15.26 5.36
C ARG B 132 -32.01 -15.05 6.65
N LYS B 136 -25.32 -14.75 9.47
CA LYS B 136 -24.14 -15.32 8.83
C LYS B 136 -23.00 -14.30 8.78
N SER B 137 -22.75 -13.66 9.92
CA SER B 137 -21.69 -12.65 10.01
C SER B 137 -22.13 -11.34 9.40
N SER B 138 -22.67 -11.41 8.18
CA SER B 138 -23.13 -10.22 7.48
C SER B 138 -24.61 -9.96 7.72
N LYS B 139 -24.94 -8.73 8.06
CA LYS B 139 -26.34 -8.33 8.24
C LYS B 139 -26.89 -7.71 6.95
N LEU B 140 -27.94 -8.32 6.43
CA LEU B 140 -28.61 -7.81 5.23
C LEU B 140 -30.12 -7.90 5.34
N VAL B 141 -30.76 -6.81 5.78
CA VAL B 141 -32.20 -6.79 5.96
C VAL B 141 -32.89 -5.93 4.91
N SER B 142 -34.21 -6.12 4.79
CA SER B 142 -35.03 -5.35 3.86
C SER B 142 -36.44 -5.21 4.40
N ALA B 143 -37.06 -4.06 4.15
CA ALA B 143 -38.42 -3.82 4.61
C ALA B 143 -39.24 -3.11 3.54
N ASN B 144 -40.36 -3.71 3.16
CA ASN B 144 -41.27 -3.10 2.21
C ASN B 144 -42.56 -2.65 2.89
N ARG B 145 -43.21 -1.65 2.33
CA ARG B 145 -44.46 -1.15 2.90
C ARG B 145 -45.22 -0.24 1.96
N LEU B 146 -46.55 -0.38 1.95
CA LEU B 146 -47.43 0.49 1.19
C LEU B 146 -48.08 1.51 2.11
N PHE B 147 -48.36 2.69 1.58
CA PHE B 147 -49.02 3.74 2.35
C PHE B 147 -50.16 4.32 1.53
N GLY B 148 -51.39 3.94 1.89
CA GLY B 148 -52.56 4.39 1.15
C GLY B 148 -53.37 5.41 1.93
N ASP B 149 -54.09 6.26 1.19
CA ASP B 149 -54.93 7.26 1.82
C ASP B 149 -55.94 6.63 2.76
N LYS B 150 -56.15 7.26 3.91
CA LYS B 150 -56.99 6.72 4.96
C LYS B 150 -58.46 6.55 4.55
N SER B 151 -58.89 7.28 3.53
CA SER B 151 -60.30 7.34 3.18
C SER B 151 -60.67 6.59 1.90
N LEU B 152 -59.73 5.84 1.33
CA LEU B 152 -59.99 5.10 0.10
C LEU B 152 -60.09 3.60 0.33
N THR B 153 -60.76 2.89 -0.58
CA THR B 153 -60.84 1.44 -0.49
C THR B 153 -59.89 0.77 -1.47
N PHE B 154 -58.91 0.06 -0.94
CA PHE B 154 -57.91 -0.60 -1.77
C PHE B 154 -58.29 -2.03 -2.10
N ASN B 155 -58.05 -2.43 -3.34
CA ASN B 155 -58.35 -3.78 -3.80
C ASN B 155 -57.79 -4.84 -2.86
N GLU B 156 -58.67 -5.64 -2.27
CA GLU B 156 -58.28 -6.63 -1.27
C GLU B 156 -57.28 -7.65 -1.80
N THR B 157 -57.35 -7.92 -3.11
CA THR B 157 -56.39 -8.80 -3.75
C THR B 157 -55.01 -8.15 -3.74
N TYR B 158 -54.95 -6.92 -4.26
CA TYR B 158 -53.70 -6.17 -4.29
C TYR B 158 -53.05 -6.13 -2.91
N GLN B 159 -53.83 -5.76 -1.89
CA GLN B 159 -53.33 -5.78 -0.53
C GLN B 159 -52.74 -7.14 -0.17
N ASP B 160 -53.39 -8.20 -0.65
CA ASP B 160 -52.99 -9.55 -0.31
C ASP B 160 -51.65 -9.94 -0.93
N ILE B 161 -51.59 -9.98 -2.24
CA ILE B 161 -50.38 -10.37 -2.95
C ILE B 161 -49.17 -9.56 -2.46
N SER B 162 -49.40 -8.30 -2.12
CA SER B 162 -48.33 -7.41 -1.70
C SER B 162 -47.73 -7.81 -0.35
N GLU B 163 -48.59 -8.19 0.59
CA GLU B 163 -48.11 -8.61 1.90
C GLU B 163 -47.57 -10.04 1.85
N LEU B 164 -48.06 -10.81 0.90
CA LEU B 164 -47.64 -12.21 0.76
C LEU B 164 -46.29 -12.33 0.07
N VAL B 165 -46.16 -11.67 -1.07
CA VAL B 165 -44.96 -11.80 -1.90
C VAL B 165 -43.81 -10.91 -1.42
N TYR B 166 -44.09 -9.64 -1.21
CA TYR B 166 -43.05 -8.69 -0.84
C TYR B 166 -43.10 -8.31 0.64
N GLY B 167 -44.05 -8.88 1.36
CA GLY B 167 -44.18 -8.64 2.79
C GLY B 167 -44.54 -7.20 3.14
N ALA B 168 -45.07 -6.47 2.17
CA ALA B 168 -45.44 -5.07 2.38
C ALA B 168 -46.90 -4.93 2.83
N LYS B 169 -47.10 -4.65 4.12
CA LYS B 169 -48.42 -4.37 4.64
C LYS B 169 -48.89 -3.00 4.16
N LEU B 170 -50.19 -2.79 4.16
CA LEU B 170 -50.74 -1.50 3.73
C LEU B 170 -51.17 -0.65 4.91
N GLN B 171 -50.37 0.37 5.21
CA GLN B 171 -50.66 1.28 6.32
C GLN B 171 -51.38 2.52 5.82
N PRO B 172 -52.44 2.93 6.54
CA PRO B 172 -53.27 4.05 6.13
C PRO B 172 -52.76 5.39 6.66
N LEU B 173 -52.67 6.38 5.79
CA LEU B 173 -52.30 7.74 6.19
C LEU B 173 -53.26 8.75 5.60
N ASP B 174 -53.40 9.90 6.27
CA ASP B 174 -54.28 10.94 5.78
C ASP B 174 -53.55 11.83 4.78
N PHE B 175 -53.32 11.30 3.59
CA PHE B 175 -52.71 12.10 2.51
C PHE B 175 -53.64 13.22 2.10
N LYS B 176 -54.92 12.87 1.92
CA LYS B 176 -55.92 13.81 1.44
C LYS B 176 -56.04 15.03 2.33
N GLU B 177 -56.18 14.79 3.64
CA GLU B 177 -56.36 15.88 4.59
C GLU B 177 -55.04 16.44 5.09
N ASN B 178 -54.14 15.54 5.49
CA ASN B 178 -52.90 15.94 6.14
C ASN B 178 -51.65 15.50 5.38
N ALA B 179 -51.46 16.07 4.19
CA ALA B 179 -50.36 15.68 3.31
C ALA B 179 -48.99 15.64 4.00
N GLU B 180 -48.47 16.81 4.35
CA GLU B 180 -47.13 16.93 4.92
C GLU B 180 -46.87 15.95 6.06
N GLN B 181 -47.75 15.95 7.06
CA GLN B 181 -47.57 15.11 8.24
C GLN B 181 -47.39 13.65 7.85
N SER B 182 -48.06 13.24 6.78
CA SER B 182 -47.97 11.87 6.31
C SER B 182 -46.58 11.58 5.76
N ARG B 183 -46.09 12.47 4.90
CA ARG B 183 -44.75 12.33 4.33
C ARG B 183 -43.72 12.09 5.43
N ALA B 184 -43.79 12.88 6.49
CA ALA B 184 -42.87 12.74 7.61
C ALA B 184 -42.99 11.34 8.23
N ALA B 185 -44.19 10.80 8.22
CA ALA B 185 -44.44 9.47 8.78
C ALA B 185 -43.69 8.39 7.98
N ILE B 186 -43.69 8.54 6.65
CA ILE B 186 -43.02 7.58 5.79
C ILE B 186 -41.51 7.61 5.97
N ASN B 187 -40.92 8.80 5.86
CA ASN B 187 -39.48 8.95 6.04
C ASN B 187 -39.01 8.40 7.38
N LYS B 188 -39.86 8.56 8.40
CA LYS B 188 -39.53 8.05 9.74
C LYS B 188 -39.54 6.53 9.77
N TRP B 189 -40.42 5.91 8.98
CA TRP B 189 -40.49 4.46 8.92
C TRP B 189 -39.27 3.89 8.21
N VAL B 190 -38.83 4.60 7.17
CA VAL B 190 -37.64 4.20 6.44
C VAL B 190 -36.42 4.35 7.35
N SER B 191 -36.33 5.50 8.01
CA SER B 191 -35.23 5.76 8.93
C SER B 191 -35.11 4.61 9.93
N ASN B 192 -36.24 4.22 10.51
CA ASN B 192 -36.26 3.10 11.45
C ASN B 192 -35.70 1.84 10.81
N LYS B 193 -36.07 1.61 9.55
CA LYS B 193 -35.66 0.39 8.85
C LYS B 193 -34.25 0.47 8.28
N THR B 194 -33.67 1.67 8.25
CA THR B 194 -32.31 1.85 7.77
C THR B 194 -31.40 2.42 8.85
N GLU B 195 -31.62 1.97 10.09
CA GLU B 195 -30.81 2.37 11.23
C GLU B 195 -30.48 3.86 11.22
N GLY B 196 -31.46 4.67 10.83
CA GLY B 196 -31.28 6.12 10.83
C GLY B 196 -30.43 6.64 9.68
N ARG B 197 -30.01 5.73 8.81
CA ARG B 197 -29.15 6.10 7.68
C ARG B 197 -29.93 6.82 6.58
N ILE B 198 -31.18 6.44 6.39
CA ILE B 198 -32.03 7.08 5.38
C ILE B 198 -33.13 7.89 6.05
N THR B 199 -33.14 9.20 5.81
CA THR B 199 -34.00 10.10 6.57
C THR B 199 -34.98 10.90 5.72
N ASP B 200 -34.66 11.12 4.46
CA ASP B 200 -35.47 11.99 3.62
C ASP B 200 -35.68 11.47 2.20
N VAL B 201 -35.95 10.17 2.07
CA VAL B 201 -36.26 9.61 0.76
C VAL B 201 -37.30 10.44 0.03
N ILE B 202 -38.34 10.84 0.76
CA ILE B 202 -39.40 11.63 0.18
C ILE B 202 -39.20 13.12 0.45
N PRO B 203 -38.86 13.88 -0.61
CA PRO B 203 -38.61 15.31 -0.52
C PRO B 203 -39.88 16.10 -0.20
N SER B 204 -39.71 17.26 0.43
CA SER B 204 -40.84 18.09 0.83
C SER B 204 -41.75 18.41 -0.36
N GLU B 205 -43.06 18.37 -0.11
CA GLU B 205 -44.05 18.74 -1.12
C GLU B 205 -44.25 17.67 -2.20
N ALA B 206 -43.41 16.64 -2.17
CA ALA B 206 -43.53 15.54 -3.13
C ALA B 206 -44.87 14.83 -2.96
N ILE B 207 -45.45 14.97 -1.78
CA ILE B 207 -46.76 14.41 -1.47
C ILE B 207 -47.78 15.53 -1.29
N ASN B 208 -48.83 15.51 -2.11
CA ASN B 208 -49.88 16.52 -2.03
C ASN B 208 -51.23 15.95 -1.58
N GLU B 209 -52.31 16.57 -2.04
CA GLU B 209 -53.65 16.20 -1.61
C GLU B 209 -54.18 14.97 -2.35
N LEU B 210 -53.88 14.89 -3.64
CA LEU B 210 -54.41 13.82 -4.49
C LEU B 210 -53.58 12.54 -4.40
N THR B 211 -52.66 12.47 -3.44
CA THR B 211 -51.79 11.31 -3.30
C THR B 211 -52.53 10.06 -2.85
N VAL B 212 -52.69 9.11 -3.76
CA VAL B 212 -53.40 7.88 -3.45
C VAL B 212 -52.54 6.90 -2.64
N LEU B 213 -51.41 6.49 -3.22
CA LEU B 213 -50.58 5.46 -2.61
C LEU B 213 -49.10 5.80 -2.69
N VAL B 214 -48.32 5.18 -1.81
CA VAL B 214 -46.86 5.30 -1.83
C VAL B 214 -46.21 3.96 -1.52
N LEU B 215 -45.60 3.35 -2.53
CA LEU B 215 -44.90 2.09 -2.33
C LEU B 215 -43.45 2.36 -1.93
N VAL B 216 -43.00 1.69 -0.87
CA VAL B 216 -41.66 1.93 -0.35
C VAL B 216 -40.86 0.62 -0.17
N ASN B 217 -39.61 0.65 -0.61
CA ASN B 217 -38.67 -0.40 -0.26
C ASN B 217 -37.51 0.16 0.54
N THR B 218 -36.93 -0.67 1.40
CA THR B 218 -35.74 -0.30 2.15
C THR B 218 -34.80 -1.50 2.23
N ILE B 219 -33.51 -1.24 2.07
CA ILE B 219 -32.49 -2.27 2.22
C ILE B 219 -31.37 -1.77 3.11
N TYR B 220 -30.87 -2.63 3.98
CA TYR B 220 -29.81 -2.26 4.91
C TYR B 220 -28.72 -3.33 5.00
N PHE B 221 -27.47 -2.89 4.87
CA PHE B 221 -26.32 -3.79 4.92
C PHE B 221 -25.35 -3.35 6.00
N LYS B 222 -24.69 -4.32 6.62
CA LYS B 222 -23.68 -4.05 7.64
C LYS B 222 -22.78 -5.26 7.76
N GLY B 223 -21.57 -5.14 7.23
CA GLY B 223 -20.61 -6.24 7.26
C GLY B 223 -19.23 -5.82 7.72
N LEU B 224 -18.48 -6.78 8.23
CA LEU B 224 -17.11 -6.54 8.66
C LEU B 224 -16.14 -7.16 7.67
N TRP B 225 -15.10 -6.43 7.29
CA TRP B 225 -14.10 -6.97 6.39
C TRP B 225 -13.62 -8.32 6.93
N LYS B 226 -13.52 -9.31 6.05
CA LYS B 226 -12.90 -10.57 6.41
C LYS B 226 -11.47 -10.26 6.85
N SER B 227 -10.88 -9.23 6.26
CA SER B 227 -9.55 -8.74 6.64
C SER B 227 -9.63 -7.25 6.98
N LYS B 228 -9.89 -6.94 8.23
CA LYS B 228 -10.05 -5.56 8.67
C LYS B 228 -8.76 -4.75 8.53
N PHE B 229 -8.91 -3.45 8.31
CA PHE B 229 -7.77 -2.54 8.32
C PHE B 229 -7.46 -2.16 9.77
N SER B 230 -6.22 -1.77 10.02
CA SER B 230 -5.82 -1.34 11.35
C SER B 230 -5.81 0.18 11.46
N PRO B 231 -6.52 0.72 12.46
CA PRO B 231 -6.59 2.18 12.67
C PRO B 231 -5.21 2.82 12.75
N GLU B 232 -4.27 2.13 13.40
CA GLU B 232 -2.92 2.66 13.58
C GLU B 232 -2.25 2.98 12.25
N ASN B 233 -2.70 2.33 11.18
CA ASN B 233 -2.10 2.49 9.86
C ASN B 233 -2.79 3.50 8.96
N THR B 234 -3.87 4.10 9.46
CA THR B 234 -4.61 5.10 8.69
C THR B 234 -3.89 6.45 8.75
N ARG B 235 -3.70 7.07 7.59
CA ARG B 235 -3.04 8.36 7.50
C ARG B 235 -3.94 9.42 6.88
N LYS B 236 -3.92 10.63 7.44
CA LYS B 236 -4.59 11.76 6.83
C LYS B 236 -3.81 12.20 5.60
N GLU B 237 -4.51 12.61 4.56
CA GLU B 237 -3.86 12.98 3.30
C GLU B 237 -4.70 13.98 2.52
N LEU B 238 -4.03 14.89 1.82
CA LEU B 238 -4.73 15.92 1.05
C LEU B 238 -5.29 15.37 -0.28
N PHE B 239 -6.57 15.60 -0.51
CA PHE B 239 -7.22 15.26 -1.76
C PHE B 239 -7.62 16.56 -2.46
N TYR B 240 -7.36 16.64 -3.76
CA TYR B 240 -7.64 17.88 -4.50
C TYR B 240 -8.68 17.68 -5.59
N LYS B 241 -9.66 18.57 -5.62
CA LYS B 241 -10.72 18.51 -6.64
C LYS B 241 -10.26 19.19 -7.92
N ALA B 242 -10.83 18.74 -9.04
CA ALA B 242 -10.48 19.30 -10.35
C ALA B 242 -10.71 20.80 -10.41
N ASP B 243 -11.20 21.37 -9.31
CA ASP B 243 -11.47 22.80 -9.24
C ASP B 243 -10.24 23.57 -8.74
N GLY B 244 -9.37 22.88 -8.02
CA GLY B 244 -8.16 23.48 -7.48
C GLY B 244 -8.08 23.44 -5.97
N GLU B 245 -9.23 23.28 -5.31
CA GLU B 245 -9.28 23.22 -3.86
C GLU B 245 -8.85 21.84 -3.36
N SER B 246 -8.56 21.74 -2.06
CA SER B 246 -8.09 20.49 -1.49
C SER B 246 -8.63 20.25 -0.08
N CYS B 247 -9.41 19.19 0.07
CA CYS B 247 -9.89 18.76 1.38
C CYS B 247 -8.99 17.64 1.93
N SER B 248 -9.18 17.30 3.20
CA SER B 248 -8.39 16.25 3.84
C SER B 248 -9.14 14.93 3.85
N ALA B 249 -8.42 13.84 3.60
CA ALA B 249 -9.01 12.51 3.57
C ALA B 249 -8.24 11.54 4.44
N SER B 250 -8.96 10.60 5.04
CA SER B 250 -8.33 9.54 5.82
C SER B 250 -8.10 8.31 4.96
N MET B 251 -6.83 7.94 4.78
CA MET B 251 -6.48 6.79 3.96
C MET B 251 -6.16 5.58 4.82
N MET B 252 -6.74 4.43 4.46
CA MET B 252 -6.48 3.20 5.17
C MET B 252 -5.42 2.39 4.43
N TYR B 253 -4.80 1.44 5.13
CA TYR B 253 -3.72 0.66 4.55
C TYR B 253 -3.70 -0.75 5.11
N GLN B 254 -3.25 -1.70 4.29
CA GLN B 254 -3.04 -3.07 4.75
C GLN B 254 -2.48 -3.94 3.63
N GLU B 255 -1.57 -4.83 3.99
CA GLU B 255 -1.04 -5.80 3.05
C GLU B 255 -1.64 -7.18 3.32
N GLY B 256 -2.03 -7.88 2.26
CA GLY B 256 -2.59 -9.21 2.42
C GLY B 256 -2.90 -9.89 1.10
N LYS B 257 -3.52 -11.06 1.19
CA LYS B 257 -3.94 -11.79 0.00
C LYS B 257 -5.35 -11.37 -0.40
N PHE B 258 -5.53 -11.06 -1.68
CA PHE B 258 -6.83 -10.62 -2.17
C PHE B 258 -7.04 -11.09 -3.61
N ARG B 259 -8.28 -11.46 -3.93
CA ARG B 259 -8.63 -11.75 -5.32
C ARG B 259 -8.53 -10.43 -6.09
N TYR B 260 -7.57 -10.38 -7.01
CA TYR B 260 -7.28 -9.15 -7.73
C TYR B 260 -6.98 -9.44 -9.19
N ARG B 261 -7.04 -8.40 -10.02
CA ARG B 261 -6.66 -8.54 -11.42
C ARG B 261 -6.54 -7.20 -12.12
N ARG B 262 -5.43 -7.00 -12.81
CA ARG B 262 -5.28 -5.88 -13.71
C ARG B 262 -5.79 -6.28 -15.09
N VAL B 263 -6.98 -5.82 -15.45
CA VAL B 263 -7.59 -6.21 -16.71
C VAL B 263 -7.19 -5.28 -17.85
N ALA B 264 -7.80 -5.47 -19.02
CA ALA B 264 -7.46 -4.70 -20.21
C ALA B 264 -7.27 -3.22 -19.91
N GLU B 265 -6.23 -2.63 -20.51
CA GLU B 265 -5.97 -1.20 -20.42
C GLU B 265 -5.59 -0.73 -19.02
N GLY B 266 -4.96 -1.62 -18.25
CA GLY B 266 -4.43 -1.25 -16.94
C GLY B 266 -5.49 -1.03 -15.87
N THR B 267 -6.75 -1.23 -16.23
CA THR B 267 -7.83 -1.12 -15.25
C THR B 267 -7.66 -2.16 -14.15
N GLN B 268 -7.75 -1.71 -12.91
CA GLN B 268 -7.59 -2.60 -11.77
C GLN B 268 -8.93 -3.03 -11.19
N VAL B 269 -9.03 -4.31 -10.85
CA VAL B 269 -10.23 -4.86 -10.25
C VAL B 269 -9.89 -5.58 -8.96
N LEU B 270 -10.35 -5.04 -7.84
CA LEU B 270 -10.03 -5.59 -6.53
C LEU B 270 -11.30 -5.99 -5.77
N GLU B 271 -11.27 -7.18 -5.18
CA GLU B 271 -12.40 -7.65 -4.37
C GLU B 271 -12.07 -7.68 -2.88
N LEU B 272 -12.96 -7.12 -2.07
CA LEU B 272 -12.79 -7.10 -0.62
C LEU B 272 -13.98 -7.76 0.08
N PRO B 273 -13.86 -9.07 0.35
CA PRO B 273 -14.97 -9.87 0.90
C PRO B 273 -15.23 -9.56 2.37
N PHE B 274 -16.50 -9.62 2.77
CA PHE B 274 -16.87 -9.46 4.18
C PHE B 274 -16.94 -10.83 4.85
N LYS B 275 -16.82 -10.85 6.18
CA LYS B 275 -16.94 -12.11 6.91
C LYS B 275 -18.05 -12.96 6.33
N GLY B 276 -17.73 -14.21 6.00
CA GLY B 276 -18.70 -15.10 5.38
C GLY B 276 -18.45 -15.23 3.89
N ASP B 277 -17.74 -14.27 3.33
CA ASP B 277 -17.36 -14.31 1.92
C ASP B 277 -18.59 -14.34 1.01
N ASP B 278 -19.78 -14.39 1.63
CA ASP B 278 -21.04 -14.40 0.90
C ASP B 278 -21.33 -13.06 0.22
N ILE B 279 -20.92 -11.98 0.89
CA ILE B 279 -21.06 -10.64 0.34
C ILE B 279 -19.68 -9.99 0.26
N THR B 280 -19.31 -9.55 -0.94
CA THR B 280 -18.00 -8.93 -1.14
C THR B 280 -18.15 -7.52 -1.68
N MET B 281 -17.11 -6.71 -1.51
CA MET B 281 -17.05 -5.42 -2.17
C MET B 281 -16.06 -5.49 -3.32
N VAL B 282 -16.45 -4.92 -4.47
CA VAL B 282 -15.58 -4.89 -5.63
C VAL B 282 -15.26 -3.46 -6.01
N LEU B 283 -13.96 -3.16 -6.13
CA LEU B 283 -13.51 -1.84 -6.54
C LEU B 283 -13.02 -1.91 -7.97
N ILE B 284 -13.16 -0.81 -8.70
CA ILE B 284 -12.67 -0.74 -10.06
C ILE B 284 -12.02 0.61 -10.29
N LEU B 285 -10.71 0.60 -10.54
CA LEU B 285 -9.94 1.81 -10.78
C LEU B 285 -9.28 1.71 -12.14
N PRO B 286 -9.52 2.71 -13.01
CA PRO B 286 -8.91 2.73 -14.33
C PRO B 286 -7.45 3.16 -14.26
N LYS B 287 -6.68 2.82 -15.28
CA LYS B 287 -5.31 3.31 -15.41
C LYS B 287 -5.30 4.81 -15.14
N PRO B 288 -4.53 5.24 -14.13
CA PRO B 288 -4.48 6.64 -13.71
C PRO B 288 -4.61 7.61 -14.89
N GLU B 289 -4.18 7.17 -16.06
CA GLU B 289 -4.27 8.01 -17.26
C GLU B 289 -5.72 8.14 -17.74
N LYS B 290 -6.33 7.01 -18.06
CA LYS B 290 -7.68 7.00 -18.64
C LYS B 290 -8.76 7.58 -17.72
N SER B 291 -9.86 8.02 -18.32
CA SER B 291 -10.99 8.55 -17.58
C SER B 291 -12.01 7.45 -17.30
N LEU B 292 -12.62 7.50 -16.12
CA LEU B 292 -13.59 6.48 -15.72
C LEU B 292 -14.77 6.43 -16.71
N ALA B 293 -15.19 7.59 -17.19
CA ALA B 293 -16.29 7.66 -18.14
C ALA B 293 -16.27 6.51 -19.14
N LYS B 294 -15.10 6.25 -19.71
CA LYS B 294 -14.96 5.21 -20.73
C LYS B 294 -15.42 3.85 -20.23
N VAL B 295 -14.87 3.42 -19.10
CA VAL B 295 -15.21 2.12 -18.51
C VAL B 295 -16.69 2.04 -18.12
N GLU B 296 -17.23 3.15 -17.61
CA GLU B 296 -18.65 3.23 -17.29
C GLU B 296 -19.49 2.98 -18.54
N LYS B 297 -19.14 3.67 -19.62
CA LYS B 297 -19.87 3.54 -20.88
C LYS B 297 -19.74 2.15 -21.49
N GLU B 298 -18.96 1.29 -20.86
CA GLU B 298 -18.73 -0.06 -21.37
C GLU B 298 -19.14 -1.15 -20.38
N LEU B 299 -19.72 -0.75 -19.27
CA LEU B 299 -20.14 -1.69 -18.22
C LEU B 299 -21.33 -2.54 -18.66
N THR B 300 -21.18 -3.85 -18.52
CA THR B 300 -22.25 -4.80 -18.85
C THR B 300 -22.17 -6.00 -17.91
N PRO B 301 -23.32 -6.55 -17.53
CA PRO B 301 -23.34 -7.69 -16.61
C PRO B 301 -22.27 -8.73 -16.95
N GLU B 302 -22.09 -9.00 -18.24
CA GLU B 302 -21.10 -9.99 -18.68
C GLU B 302 -19.67 -9.48 -18.48
N VAL B 303 -19.43 -8.22 -18.83
CA VAL B 303 -18.15 -7.58 -18.60
C VAL B 303 -17.67 -7.79 -17.17
N LEU B 304 -18.56 -7.52 -16.21
CA LEU B 304 -18.28 -7.76 -14.80
C LEU B 304 -17.95 -9.22 -14.53
N GLN B 305 -18.85 -10.10 -14.94
CA GLN B 305 -18.66 -11.52 -14.69
C GLN B 305 -17.29 -11.98 -15.17
N GLU B 306 -16.85 -11.44 -16.31
CA GLU B 306 -15.54 -11.78 -16.84
C GLU B 306 -14.45 -11.38 -15.86
N TRP B 307 -14.41 -10.11 -15.50
CA TRP B 307 -13.43 -9.60 -14.55
C TRP B 307 -13.40 -10.44 -13.28
N LEU B 308 -14.58 -10.69 -12.73
CA LEU B 308 -14.73 -11.43 -11.48
C LEU B 308 -14.16 -12.85 -11.59
N ASP B 309 -14.25 -13.42 -12.80
CA ASP B 309 -13.73 -14.76 -13.03
C ASP B 309 -12.22 -14.73 -13.23
N GLU B 310 -11.71 -13.64 -13.80
CA GLU B 310 -10.28 -13.49 -14.06
C GLU B 310 -9.49 -13.31 -12.77
N LEU B 311 -10.17 -12.92 -11.70
CA LEU B 311 -9.49 -12.66 -10.43
C LEU B 311 -8.79 -13.90 -9.89
N GLU B 312 -7.55 -13.71 -9.46
CA GLU B 312 -6.78 -14.77 -8.80
C GLU B 312 -6.16 -14.18 -7.54
N GLU B 313 -5.93 -15.03 -6.53
CA GLU B 313 -5.39 -14.55 -5.26
C GLU B 313 -3.98 -14.03 -5.43
N MET B 314 -3.75 -12.80 -4.98
CA MET B 314 -2.43 -12.21 -5.03
C MET B 314 -2.14 -11.46 -3.73
N MET B 315 -0.87 -11.41 -3.36
CA MET B 315 -0.48 -10.74 -2.13
C MET B 315 -0.09 -9.31 -2.45
N LEU B 316 -1.09 -8.43 -2.44
CA LEU B 316 -0.88 -7.04 -2.80
C LEU B 316 -1.10 -6.11 -1.62
N VAL B 317 -0.82 -4.83 -1.83
CA VAL B 317 -1.04 -3.82 -0.81
C VAL B 317 -2.26 -2.99 -1.19
N VAL B 318 -3.09 -2.66 -0.21
CA VAL B 318 -4.31 -1.92 -0.48
C VAL B 318 -4.32 -0.57 0.22
N HIS B 319 -4.54 0.47 -0.56
CA HIS B 319 -4.78 1.81 -0.03
C HIS B 319 -6.21 2.22 -0.38
N MET B 320 -7.02 2.48 0.64
CA MET B 320 -8.41 2.85 0.44
C MET B 320 -8.85 3.84 1.51
N PRO B 321 -9.63 4.86 1.12
CA PRO B 321 -10.00 5.92 2.04
C PRO B 321 -11.10 5.51 3.01
N ARG B 322 -11.05 6.08 4.21
CA ARG B 322 -12.10 5.94 5.21
C ARG B 322 -13.08 7.08 4.97
N PHE B 323 -14.31 6.75 4.60
CA PHE B 323 -15.25 7.75 4.10
C PHE B 323 -16.72 7.34 4.21
N ARG B 324 -17.59 8.27 3.86
CA ARG B 324 -19.01 7.99 3.71
C ARG B 324 -19.59 8.90 2.63
N ILE B 325 -20.49 8.37 1.81
CA ILE B 325 -21.17 9.19 0.81
C ILE B 325 -22.67 8.94 0.79
N GLU B 326 -23.41 9.95 0.37
CA GLU B 326 -24.87 9.86 0.28
C GLU B 326 -25.34 10.45 -1.05
N ASP B 327 -26.33 9.83 -1.64
CA ASP B 327 -26.81 10.24 -2.95
C ASP B 327 -28.33 10.14 -3.01
N GLY B 328 -28.99 11.22 -3.42
CA GLY B 328 -30.44 11.25 -3.56
C GLY B 328 -30.85 11.88 -4.88
N PHE B 329 -31.91 11.37 -5.47
CA PHE B 329 -32.34 11.83 -6.79
C PHE B 329 -33.71 11.27 -7.17
N SER B 330 -34.32 11.89 -8.17
CA SER B 330 -35.55 11.37 -8.76
C SER B 330 -35.22 10.28 -9.78
N LEU B 331 -36.08 9.27 -9.86
CA LEU B 331 -35.87 8.16 -10.80
C LEU B 331 -36.66 8.37 -12.08
N LYS B 332 -37.50 9.40 -12.10
CA LYS B 332 -38.43 9.60 -13.21
C LYS B 332 -37.72 9.81 -14.54
N GLU B 333 -36.97 10.91 -14.63
CA GLU B 333 -36.31 11.27 -15.88
C GLU B 333 -35.57 10.08 -16.50
N GLN B 334 -34.62 9.52 -15.75
CA GLN B 334 -33.81 8.42 -16.25
C GLN B 334 -34.65 7.20 -16.66
N LEU B 335 -35.62 6.84 -15.82
CA LEU B 335 -36.48 5.71 -16.10
C LEU B 335 -37.34 5.93 -17.33
N GLN B 336 -37.68 7.18 -17.61
CA GLN B 336 -38.42 7.52 -18.82
C GLN B 336 -37.59 7.23 -20.06
N ASP B 337 -36.34 7.70 -20.06
CA ASP B 337 -35.44 7.52 -21.18
C ASP B 337 -35.22 6.04 -21.50
N MET B 338 -35.23 5.20 -20.47
CA MET B 338 -35.06 3.76 -20.65
C MET B 338 -36.30 3.12 -21.27
N GLY B 339 -37.36 3.90 -21.45
CA GLY B 339 -38.56 3.41 -22.08
C GLY B 339 -39.71 3.13 -21.12
N LEU B 340 -39.73 3.88 -20.01
CA LEU B 340 -40.84 3.76 -19.05
C LEU B 340 -41.67 5.04 -19.08
N VAL B 341 -42.64 5.08 -19.99
CA VAL B 341 -43.44 6.28 -20.22
C VAL B 341 -44.82 6.18 -19.59
N ASP B 342 -45.65 5.26 -20.09
CA ASP B 342 -47.02 5.11 -19.62
C ASP B 342 -47.16 5.36 -18.12
N LEU B 343 -46.43 4.59 -17.32
CA LEU B 343 -46.54 4.64 -15.87
C LEU B 343 -46.55 6.07 -15.32
N PHE B 344 -45.75 6.94 -15.95
CA PHE B 344 -45.60 8.31 -15.47
C PHE B 344 -46.61 9.26 -16.12
N SER B 345 -47.42 8.73 -17.02
CA SER B 345 -48.40 9.54 -17.74
C SER B 345 -49.80 9.45 -17.12
N PRO B 346 -50.32 10.59 -16.66
CA PRO B 346 -51.68 10.64 -16.12
C PRO B 346 -52.67 10.06 -17.11
N GLU B 347 -52.42 10.26 -18.39
CA GLU B 347 -53.30 9.74 -19.43
C GLU B 347 -53.07 8.26 -19.68
N LYS B 348 -51.84 7.91 -20.02
CA LYS B 348 -51.51 6.54 -20.43
C LYS B 348 -51.42 5.56 -19.27
N SER B 349 -51.19 6.07 -18.06
CA SER B 349 -51.03 5.21 -16.90
C SER B 349 -52.17 4.19 -16.79
N LYS B 350 -51.80 2.94 -16.54
CA LYS B 350 -52.80 1.87 -16.41
C LYS B 350 -52.58 1.08 -15.12
N LEU B 351 -53.09 1.62 -14.01
CA LEU B 351 -52.93 1.00 -12.70
C LEU B 351 -54.27 0.78 -12.01
N PRO B 352 -55.12 -0.07 -12.59
CA PRO B 352 -56.48 -0.26 -12.11
C PRO B 352 -56.62 -1.27 -10.98
N GLY B 353 -55.57 -2.04 -10.72
CA GLY B 353 -55.64 -3.12 -9.73
C GLY B 353 -55.38 -2.73 -8.29
N ILE B 354 -55.12 -1.45 -8.05
CA ILE B 354 -54.77 -0.96 -6.73
C ILE B 354 -56.01 -0.54 -5.94
N VAL B 355 -56.74 0.41 -6.49
CA VAL B 355 -57.97 0.90 -5.87
C VAL B 355 -59.18 0.16 -6.41
N ALA B 356 -60.01 -0.37 -5.52
CA ALA B 356 -61.25 -1.03 -5.92
C ALA B 356 -62.25 0.00 -6.43
N GLU B 357 -62.34 1.12 -5.71
CA GLU B 357 -63.23 2.21 -6.10
C GLU B 357 -63.22 3.33 -5.05
N ARG B 359 -59.03 7.04 -7.24
CA ARG B 359 -59.69 7.63 -8.40
C ARG B 359 -59.78 6.63 -9.55
N ASP B 360 -58.74 5.82 -9.72
CA ASP B 360 -58.68 4.82 -10.78
C ASP B 360 -58.11 5.39 -12.08
N ASP B 361 -57.78 6.68 -12.06
CA ASP B 361 -56.98 7.30 -13.11
C ASP B 361 -55.56 7.46 -12.55
N LEU B 362 -55.10 6.43 -11.86
CA LEU B 362 -53.84 6.48 -11.11
C LEU B 362 -52.61 6.53 -12.01
N TYR B 363 -51.66 7.37 -11.63
CA TYR B 363 -50.40 7.51 -12.34
C TYR B 363 -49.29 7.74 -11.34
N VAL B 364 -48.06 7.37 -11.69
CA VAL B 364 -46.91 7.65 -10.83
C VAL B 364 -46.42 9.08 -11.03
N SER B 365 -46.62 9.91 -10.03
CA SER B 365 -46.20 11.30 -10.10
C SER B 365 -44.69 11.38 -10.21
N ASP B 366 -44.00 10.60 -9.37
CA ASP B 366 -42.55 10.62 -9.31
C ASP B 366 -42.05 9.48 -8.43
N ALA B 367 -40.76 9.21 -8.49
CA ALA B 367 -40.15 8.17 -7.65
C ALA B 367 -38.80 8.65 -7.12
N PHE B 368 -38.56 8.40 -5.84
CA PHE B 368 -37.36 8.91 -5.20
C PHE B 368 -36.47 7.78 -4.68
N HIS B 369 -35.16 8.03 -4.68
CA HIS B 369 -34.19 7.06 -4.20
C HIS B 369 -33.13 7.75 -3.34
N LYS B 370 -32.73 7.08 -2.27
CA LYS B 370 -31.75 7.65 -1.36
C LYS B 370 -30.83 6.54 -0.87
N ALA B 371 -29.53 6.73 -1.07
CA ALA B 371 -28.55 5.72 -0.72
C ALA B 371 -27.46 6.27 0.20
N PHE B 372 -26.92 5.39 1.03
CA PHE B 372 -25.91 5.77 2.01
C PHE B 372 -24.81 4.71 2.05
N LEU B 373 -23.57 5.16 1.89
CA LEU B 373 -22.43 4.26 2.01
C LEU B 373 -21.43 4.83 3.01
N GLU B 374 -20.90 3.94 3.85
CA GLU B 374 -19.84 4.32 4.77
C GLU B 374 -18.85 3.17 4.91
N VAL B 375 -17.56 3.49 4.79
CA VAL B 375 -16.50 2.50 4.85
C VAL B 375 -15.45 2.88 5.87
N ASN B 376 -14.92 1.88 6.56
CA ASN B 376 -13.85 2.10 7.55
C ASN B 376 -13.04 0.85 7.85
N GLU B 377 -12.15 0.95 8.82
CA GLU B 377 -11.25 -0.15 9.18
C GLU B 377 -11.99 -1.47 9.42
N GLU B 378 -13.09 -1.41 10.14
CA GLU B 378 -13.84 -2.61 10.52
C GLU B 378 -14.63 -3.22 9.36
N GLY B 379 -15.19 -2.36 8.51
CA GLY B 379 -15.94 -2.86 7.36
C GLY B 379 -16.71 -1.78 6.61
N SER B 380 -17.94 -2.10 6.26
CA SER B 380 -18.76 -1.21 5.46
C SER B 380 -20.23 -1.27 5.88
N GLU B 381 -20.92 -0.15 5.75
CA GLU B 381 -22.34 -0.06 6.08
C GLU B 381 -23.10 0.63 4.97
N ALA B 382 -24.07 -0.05 4.39
CA ALA B 382 -24.84 0.51 3.27
C ALA B 382 -26.35 0.38 3.48
N ALA B 383 -27.07 1.41 3.05
CA ALA B 383 -28.52 1.41 3.12
C ALA B 383 -29.11 2.17 1.93
N ALA B 384 -30.35 1.85 1.59
CA ALA B 384 -31.02 2.53 0.48
C ALA B 384 -32.53 2.49 0.65
N SER B 385 -33.23 3.27 -0.14
CA SER B 385 -34.69 3.28 -0.12
C SER B 385 -35.26 3.79 -1.43
N THR B 386 -36.35 3.18 -1.88
CA THR B 386 -37.03 3.63 -3.08
C THR B 386 -38.50 3.91 -2.76
N ALA B 387 -38.97 5.09 -3.14
CA ALA B 387 -40.34 5.49 -2.90
C ALA B 387 -41.06 5.79 -4.20
N VAL B 388 -42.11 5.02 -4.49
CA VAL B 388 -42.93 5.28 -5.67
C VAL B 388 -44.21 5.99 -5.26
N VAL B 389 -44.29 7.29 -5.58
CA VAL B 389 -45.44 8.10 -5.21
C VAL B 389 -46.51 8.10 -6.29
N ILE B 390 -47.69 7.58 -5.96
CA ILE B 390 -48.81 7.53 -6.88
C ILE B 390 -49.64 8.80 -6.82
N ALA B 391 -49.89 9.40 -7.98
CA ALA B 391 -50.79 10.54 -8.09
C ALA B 391 -50.51 11.63 -7.05
N GLY B 392 -49.24 12.01 -6.92
CA GLY B 392 -48.87 13.09 -6.02
C GLY B 392 -48.26 14.26 -6.79
N ARG B 393 -47.14 14.77 -6.28
CA ARG B 393 -46.49 15.92 -6.89
C ARG B 393 -45.34 15.49 -7.80
N SER B 394 -45.46 15.79 -9.08
CA SER B 394 -44.45 15.41 -10.06
C SER B 394 -43.28 16.40 -10.07
N LEU B 395 -42.15 15.99 -9.50
CA LEU B 395 -40.97 16.84 -9.41
C LEU B 395 -41.10 17.82 -8.24
N PHE B 402 -21.36 19.14 -5.34
CA PHE B 402 -20.07 19.01 -4.68
C PHE B 402 -19.11 18.16 -5.52
N LYS B 403 -18.47 18.79 -6.49
CA LYS B 403 -17.58 18.09 -7.41
C LYS B 403 -16.31 17.58 -6.73
N ALA B 404 -15.56 16.76 -7.45
CA ALA B 404 -14.30 16.20 -6.94
C ALA B 404 -13.38 15.81 -8.09
N ASN B 405 -12.70 14.68 -7.95
CA ASN B 405 -11.76 14.24 -8.98
C ASN B 405 -11.50 12.73 -8.95
N ARG B 406 -10.60 12.27 -9.82
CA ARG B 406 -10.22 10.86 -9.91
C ARG B 406 -11.08 9.96 -9.02
N PRO B 407 -12.19 9.45 -9.57
CA PRO B 407 -13.11 8.57 -8.85
C PRO B 407 -12.85 7.09 -9.12
N PHE B 408 -13.63 6.22 -8.47
CA PHE B 408 -13.57 4.79 -8.72
C PHE B 408 -14.93 4.13 -8.44
N LEU B 409 -15.28 3.13 -9.25
CA LEU B 409 -16.54 2.41 -9.08
C LEU B 409 -16.51 1.49 -7.87
N VAL B 410 -17.67 1.29 -7.26
CA VAL B 410 -17.82 0.36 -6.15
C VAL B 410 -18.98 -0.58 -6.39
N PHE B 411 -18.85 -1.81 -5.90
CA PHE B 411 -19.91 -2.81 -6.01
C PHE B 411 -20.06 -3.56 -4.70
N ILE B 412 -21.29 -3.80 -4.29
CA ILE B 412 -21.56 -4.71 -3.19
C ILE B 412 -22.46 -5.82 -3.72
N ARG B 413 -21.89 -7.01 -3.90
CA ARG B 413 -22.60 -8.12 -4.51
C ARG B 413 -22.83 -9.27 -3.53
N GLU B 414 -23.80 -10.11 -3.84
CA GLU B 414 -24.00 -11.35 -3.11
C GLU B 414 -23.53 -12.48 -4.02
N VAL B 415 -22.33 -12.98 -3.75
CA VAL B 415 -21.67 -13.93 -4.64
C VAL B 415 -22.56 -15.07 -5.12
N PRO B 416 -23.03 -15.92 -4.20
CA PRO B 416 -23.80 -17.12 -4.56
C PRO B 416 -25.05 -16.79 -5.37
N LEU B 417 -25.77 -15.74 -4.97
CA LEU B 417 -27.01 -15.36 -5.63
C LEU B 417 -26.77 -14.32 -6.74
N ASN B 418 -25.50 -13.94 -6.90
CA ASN B 418 -25.10 -13.06 -7.99
C ASN B 418 -25.98 -11.83 -8.16
N THR B 419 -26.09 -11.00 -7.13
CA THR B 419 -26.90 -9.79 -7.23
C THR B 419 -26.14 -8.53 -6.83
N ILE B 420 -26.27 -7.50 -7.66
CA ILE B 420 -25.72 -6.19 -7.36
C ILE B 420 -26.65 -5.45 -6.41
N ILE B 421 -26.31 -5.49 -5.12
CA ILE B 421 -27.10 -4.80 -4.10
C ILE B 421 -26.91 -3.30 -4.25
N PHE B 422 -25.78 -2.80 -3.78
CA PHE B 422 -25.46 -1.40 -3.96
C PHE B 422 -24.41 -1.26 -5.06
N MET B 423 -24.25 -0.03 -5.56
CA MET B 423 -23.22 0.26 -6.55
C MET B 423 -23.12 1.76 -6.74
N GLY B 424 -21.97 2.21 -7.26
CA GLY B 424 -21.78 3.63 -7.50
C GLY B 424 -20.35 4.06 -7.75
N ARG B 425 -20.15 5.37 -7.76
CA ARG B 425 -18.85 5.96 -8.06
C ARG B 425 -18.44 6.88 -6.92
N VAL B 426 -17.28 6.60 -6.33
CA VAL B 426 -16.75 7.42 -5.25
C VAL B 426 -15.74 8.43 -5.79
N ALA B 427 -16.11 9.70 -5.81
CA ALA B 427 -15.24 10.75 -6.32
C ALA B 427 -14.64 11.59 -5.18
N ASN B 428 -15.47 11.90 -4.18
CA ASN B 428 -15.03 12.71 -3.05
C ASN B 428 -15.05 11.94 -1.74
N PRO B 429 -13.86 11.56 -1.25
CA PRO B 429 -13.71 10.76 -0.05
C PRO B 429 -13.50 11.60 1.22
N CYS B 430 -13.72 12.90 1.13
CA CYS B 430 -13.52 13.78 2.28
C CYS B 430 -14.75 13.81 3.18
#